data_2WDA
#
_entry.id   2WDA
#
_cell.length_a   140.508
_cell.length_b   140.508
_cell.length_c   100.764
_cell.angle_alpha   90.00
_cell.angle_beta   90.00
_cell.angle_gamma   90.00
#
_symmetry.space_group_name_H-M   'P 43 21 2'
#
loop_
_entity.id
_entity.type
_entity.pdbx_description
1 polymer 'PUTATIVE SECRETED LYASE'
2 branched '4-deoxy-alpha-L-threo-hex-4-enopyranuronic acid-(1-3)-2-acetamido-2-deoxy-4-O-sulfo-beta-D-galactopyranose'
3 non-polymer 'FORMIC ACID'
4 non-polymer GLYCEROL
5 non-polymer DI(HYDROXYETHYL)ETHER
6 non-polymer 'MAGNESIUM ION'
7 water water
#
_entity_poly.entity_id   1
_entity_poly.type   'polypeptide(L)'
_entity_poly.pdbx_seq_one_letter_code
;MGSSHHHHHHSSGLVPRGSHMATADPYDALRRRWLGITLGTGYDPAAEPYASRLAETGERAREHRATMAPTPTSLWPGHP
FDPPAGITFAYGRLWTMTEAYVQEGTGATGDPALLADILRGLDHLSATVYHPATTRYGNWWEWQIGSPRLLMDITAALYD
HLGADRVAAACAAVDHFVPDAMLGAYTGTSTGANRVDLCRSVALRGVLGRAPAKIALARDALSPVFPYVTKGDGLYADGS
FVQHTWVAYSGTYGQVMLDGLGRLFTLLAGSEWEVTDPGRQLVLDSVEHAYAPLIHDGLVMDTVNGRAISRGYLKSDDLH
VMRSDHFHGQQLIAAMAVLAGGASNAERERWHARIKGWIERDTVTPVLTAPQFPVADLTRLHAIADAPGEAAPEPVGHHL
FAAMDRAVHRRPAFTAGLAMASDRIAHYECGNGENPRGWHTGAGMLTWWANGTRADQYTDWFWPTVDWYRLPGTTVSTKR
LADRAGGEWGAPKPDVRWVGGATDGEYAAVGQHLKGLGSTLEARKSWFFLDDAVVCLGAGITCADGVPVETVVDNRNLGE
GGTQALVRGRHWAHLEGHGGWIVPGGALRTLREDRTGAWSDINTTSTTERRTRRWQTLWLDHGTDPAGADYVYTVMPGAS
RAALARRAADRHWLTVLANDDRRQAVSVPSLGLTAANFWQAGTAGPLTTTAGASVLVRRRGRTATLRVSEPPRTGEALEI
VWDHPVGAVLRADETVEILATGRRLHLRVTPGVVCTTHECEVTLS
;
_entity_poly.pdbx_strand_id   A
#
# COMPACT_ATOMS: atom_id res chain seq x y z
N ALA A 24 -29.86 -7.10 29.84
CA ALA A 24 -29.90 -5.84 28.99
C ALA A 24 -28.62 -5.04 28.93
N ASP A 25 -28.03 -4.87 30.11
CA ASP A 25 -26.76 -4.19 30.32
C ASP A 25 -25.48 -4.68 29.54
N PRO A 26 -25.31 -5.99 29.19
CA PRO A 26 -24.12 -6.26 28.36
C PRO A 26 -24.25 -5.65 26.94
N TYR A 27 -25.44 -5.70 26.32
CA TYR A 27 -25.71 -4.98 25.07
C TYR A 27 -25.63 -3.46 25.16
N ASP A 28 -26.21 -2.89 26.21
CA ASP A 28 -26.13 -1.45 26.38
C ASP A 28 -24.68 -1.03 26.57
N ALA A 29 -23.93 -1.79 27.33
CA ALA A 29 -22.51 -1.48 27.56
C ALA A 29 -21.69 -1.52 26.23
N LEU A 30 -21.91 -2.54 25.41
CA LEU A 30 -21.24 -2.67 24.11
C LEU A 30 -21.62 -1.48 23.19
N ARG A 31 -22.88 -1.06 23.25
CA ARG A 31 -23.34 0.05 22.43
C ARG A 31 -22.66 1.32 22.85
N ARG A 32 -22.58 1.53 24.17
CA ARG A 32 -21.91 2.72 24.67
C ARG A 32 -20.43 2.70 24.26
N ARG A 33 -19.80 1.54 24.36
CA ARG A 33 -18.39 1.41 24.06
C ARG A 33 -18.18 1.69 22.52
N TRP A 34 -19.07 1.20 21.67
CA TRP A 34 -19.02 1.55 20.24
C TRP A 34 -19.13 3.05 19.97
N LEU A 35 -19.98 3.73 20.73
CA LEU A 35 -20.09 5.18 20.59
C LEU A 35 -18.85 5.92 21.02
N GLY A 36 -18.16 5.38 22.02
CA GLY A 36 -16.95 6.02 22.49
C GLY A 36 -15.89 5.92 21.39
N ILE A 37 -15.83 4.77 20.72
CA ILE A 37 -14.85 4.52 19.65
C ILE A 37 -15.17 5.37 18.44
N THR A 38 -16.46 5.51 18.17
CA THR A 38 -16.93 6.15 16.95
C THR A 38 -17.03 7.66 17.06
N LEU A 39 -17.38 8.15 18.24
CA LEU A 39 -17.74 9.54 18.35
C LEU A 39 -16.77 10.25 19.23
N GLY A 40 -15.97 9.51 19.99
CA GLY A 40 -14.87 10.11 20.70
C GLY A 40 -15.19 10.50 22.12
N THR A 41 -14.13 10.64 22.90
CA THR A 41 -14.23 10.60 24.35
C THR A 41 -13.09 11.36 24.97
N GLY A 42 -13.40 12.14 26.00
CA GLY A 42 -12.39 12.80 26.83
C GLY A 42 -11.63 13.91 26.09
N TYR A 43 -12.39 14.77 25.40
CA TYR A 43 -11.83 15.92 24.75
C TYR A 43 -12.73 17.12 25.09
N ASP A 44 -12.22 18.32 24.90
CA ASP A 44 -13.02 19.50 25.09
C ASP A 44 -13.51 20.01 23.74
N PRO A 45 -14.84 19.97 23.48
CA PRO A 45 -15.42 20.41 22.19
C PRO A 45 -15.20 21.86 21.90
N ALA A 46 -14.89 22.62 22.93
CA ALA A 46 -14.52 24.02 22.72
C ALA A 46 -13.05 24.21 22.20
N ALA A 47 -12.18 23.23 22.43
CA ALA A 47 -10.79 23.34 21.98
C ALA A 47 -10.64 23.09 20.48
N GLU A 48 -9.63 23.74 19.87
CA GLU A 48 -9.25 23.44 18.51
C GLU A 48 -8.36 22.20 18.54
N PRO A 49 -8.44 21.35 17.50
CA PRO A 49 -9.27 21.50 16.32
C PRO A 49 -10.66 20.84 16.38
N TYR A 50 -11.02 20.20 17.50
CA TYR A 50 -12.39 19.70 17.70
C TYR A 50 -13.48 20.73 17.36
N ALA A 51 -13.29 21.98 17.85
CA ALA A 51 -14.32 23.02 17.74
C ALA A 51 -14.67 23.31 16.28
N SER A 52 -13.64 23.50 15.45
CA SER A 52 -13.92 23.72 14.03
C SER A 52 -14.45 22.51 13.26
N ARG A 53 -13.99 21.29 13.58
N ARG A 53 -13.99 21.32 13.63
CA ARG A 53 -14.49 20.07 12.91
CA ARG A 53 -14.44 20.10 12.97
C ARG A 53 -15.97 19.84 13.27
C ARG A 53 -15.94 19.84 13.28
N LEU A 54 -16.32 20.06 14.54
CA LEU A 54 -17.73 19.94 14.96
C LEU A 54 -18.57 21.04 14.29
N ALA A 55 -18.02 22.24 14.20
CA ALA A 55 -18.80 23.32 13.60
C ALA A 55 -19.05 22.99 12.14
N GLU A 56 -18.06 22.45 11.49
CA GLU A 56 -18.15 22.13 10.07
C GLU A 56 -19.13 21.00 9.80
N THR A 57 -19.26 20.09 10.75
CA THR A 57 -20.15 18.95 10.64
C THR A 57 -21.60 19.46 10.74
N GLY A 58 -21.83 20.33 11.72
CA GLY A 58 -23.07 21.10 11.86
C GLY A 58 -23.50 21.71 10.58
N GLU A 59 -22.58 22.46 9.96
CA GLU A 59 -22.84 23.10 8.68
C GLU A 59 -23.16 22.13 7.53
N ARG A 60 -22.41 21.04 7.38
CA ARG A 60 -22.76 20.04 6.35
C ARG A 60 -24.16 19.42 6.60
N ALA A 61 -24.42 19.14 7.89
CA ALA A 61 -25.71 18.60 8.31
C ALA A 61 -26.88 19.54 7.93
N ARG A 62 -26.71 20.84 8.23
CA ARG A 62 -27.72 21.83 7.95
C ARG A 62 -28.03 21.79 6.46
N GLU A 63 -27.02 21.71 5.61
CA GLU A 63 -27.28 21.74 4.18
C GLU A 63 -27.83 20.40 3.72
N HIS A 64 -27.43 19.31 4.35
CA HIS A 64 -27.97 18.02 3.93
C HIS A 64 -29.48 17.96 4.23
N ARG A 65 -29.83 18.44 5.41
CA ARG A 65 -31.21 18.56 5.84
C ARG A 65 -31.99 19.39 4.81
N ALA A 66 -31.44 20.56 4.46
CA ALA A 66 -32.14 21.50 3.58
C ALA A 66 -32.42 20.89 2.22
N THR A 67 -31.56 19.97 1.77
CA THR A 67 -31.64 19.45 0.37
C THR A 67 -32.25 18.01 0.22
N MET A 68 -32.48 17.34 1.36
CA MET A 68 -33.03 15.98 1.33
C MET A 68 -34.36 16.03 0.53
N ALA A 69 -34.58 15.08 -0.36
CA ALA A 69 -35.73 15.10 -1.20
C ALA A 69 -36.15 13.70 -1.53
N PRO A 70 -36.97 13.07 -0.64
CA PRO A 70 -37.38 11.66 -0.89
C PRO A 70 -38.14 11.44 -2.20
N THR A 71 -37.75 10.44 -2.99
CA THR A 71 -38.47 10.09 -4.23
C THR A 71 -38.38 8.57 -4.32
N PRO A 72 -39.17 7.95 -5.19
CA PRO A 72 -39.11 6.48 -5.18
C PRO A 72 -37.70 5.91 -5.49
N THR A 73 -36.83 6.77 -6.00
CA THR A 73 -35.55 6.31 -6.55
C THR A 73 -34.33 7.05 -5.99
N SER A 74 -34.45 7.84 -4.93
CA SER A 74 -33.30 8.64 -4.49
C SER A 74 -33.68 9.22 -3.19
N LEU A 75 -32.72 9.67 -2.41
CA LEU A 75 -33.04 10.45 -1.25
C LEU A 75 -32.43 11.88 -1.35
N TRP A 76 -31.41 12.04 -2.20
CA TRP A 76 -30.86 13.36 -2.46
C TRP A 76 -30.74 13.44 -3.96
N PRO A 77 -31.02 14.63 -4.52
CA PRO A 77 -31.08 14.75 -5.97
C PRO A 77 -29.71 14.44 -6.58
N GLY A 78 -29.69 13.87 -7.80
CA GLY A 78 -28.44 13.47 -8.45
C GLY A 78 -27.87 12.17 -7.88
N HIS A 79 -28.52 11.58 -6.85
CA HIS A 79 -28.01 10.34 -6.19
C HIS A 79 -29.01 9.19 -6.18
N PRO A 80 -29.32 8.67 -7.37
CA PRO A 80 -30.24 7.55 -7.53
C PRO A 80 -29.77 6.24 -6.85
N PHE A 81 -30.75 5.37 -6.53
CA PHE A 81 -30.51 4.16 -5.75
C PHE A 81 -29.96 3.12 -6.71
N ASP A 82 -29.92 3.48 -7.99
CA ASP A 82 -29.28 2.59 -8.95
C ASP A 82 -28.44 3.52 -9.80
N PRO A 83 -27.09 3.39 -9.71
CA PRO A 83 -26.31 2.38 -8.95
C PRO A 83 -26.45 2.39 -7.44
N PRO A 84 -26.22 1.23 -6.80
CA PRO A 84 -26.41 1.19 -5.33
C PRO A 84 -25.48 2.11 -4.56
N ALA A 85 -24.46 2.72 -5.16
CA ALA A 85 -23.68 3.73 -4.38
C ALA A 85 -24.58 4.83 -3.87
N GLY A 86 -25.74 5.02 -4.52
CA GLY A 86 -26.60 6.14 -4.17
C GLY A 86 -27.30 5.93 -2.84
N ILE A 87 -27.48 4.66 -2.48
CA ILE A 87 -28.00 4.23 -1.15
C ILE A 87 -27.01 4.53 -0.02
N THR A 88 -25.76 4.10 -0.22
CA THR A 88 -24.67 4.33 0.78
C THR A 88 -24.41 5.80 0.92
N PHE A 89 -24.47 6.51 -0.22
CA PHE A 89 -24.35 7.94 -0.26
C PHE A 89 -25.37 8.58 0.68
N ALA A 90 -26.59 8.09 0.56
CA ALA A 90 -27.65 8.62 1.44
C ALA A 90 -27.42 8.30 2.89
N TYR A 91 -27.01 7.06 3.18
CA TYR A 91 -26.66 6.71 4.60
C TYR A 91 -25.49 7.58 5.11
N GLY A 92 -24.51 7.85 4.22
CA GLY A 92 -23.39 8.70 4.65
C GLY A 92 -23.84 10.06 5.13
N ARG A 93 -24.72 10.68 4.36
CA ARG A 93 -25.28 11.96 4.79
C ARG A 93 -26.19 11.92 6.07
N LEU A 94 -26.98 10.86 6.22
CA LEU A 94 -27.75 10.66 7.45
C LEU A 94 -26.82 10.49 8.61
N TRP A 95 -25.68 9.81 8.38
CA TRP A 95 -24.66 9.73 9.44
C TRP A 95 -24.08 11.11 9.81
N THR A 96 -23.72 11.95 8.83
CA THR A 96 -23.31 13.33 9.18
C THR A 96 -24.42 14.09 9.97
N MET A 97 -25.67 13.95 9.53
CA MET A 97 -26.83 14.50 10.27
C MET A 97 -26.85 13.96 11.68
N THR A 98 -26.66 12.64 11.81
CA THR A 98 -26.65 12.02 13.16
C THR A 98 -25.55 12.61 14.04
N GLU A 99 -24.32 12.71 13.49
CA GLU A 99 -23.25 13.39 14.21
C GLU A 99 -23.59 14.78 14.69
N ALA A 100 -24.19 15.54 13.79
CA ALA A 100 -24.59 16.91 14.08
C ALA A 100 -25.57 16.90 15.26
N TYR A 101 -26.46 15.90 15.23
CA TYR A 101 -27.47 15.78 16.24
C TYR A 101 -26.88 15.36 17.60
N VAL A 102 -25.98 14.39 17.62
CA VAL A 102 -25.52 13.92 18.92
C VAL A 102 -24.28 14.54 19.48
N GLN A 103 -23.49 15.24 18.68
CA GLN A 103 -22.24 15.79 19.26
C GLN A 103 -22.48 17.24 19.68
N GLU A 104 -21.96 17.63 20.85
CA GLU A 104 -21.78 19.00 21.26
C GLU A 104 -20.98 19.75 20.23
N GLY A 105 -21.18 21.08 20.19
CA GLY A 105 -20.34 22.01 19.44
C GLY A 105 -20.73 22.15 17.97
N THR A 106 -21.79 21.48 17.57
CA THR A 106 -22.12 21.47 16.16
C THR A 106 -23.09 22.56 15.74
N GLY A 107 -23.76 23.17 16.71
CA GLY A 107 -24.78 24.18 16.38
C GLY A 107 -26.16 23.57 16.13
N ALA A 108 -26.28 22.24 16.33
CA ALA A 108 -27.49 21.52 16.01
C ALA A 108 -27.70 20.38 16.99
N THR A 109 -26.89 20.31 18.05
CA THR A 109 -27.00 19.26 19.04
C THR A 109 -28.41 19.15 19.63
N GLY A 110 -29.04 17.99 19.51
CA GLY A 110 -30.34 17.78 20.15
C GLY A 110 -31.45 18.62 19.56
N ASP A 111 -31.31 19.01 18.30
CA ASP A 111 -32.34 19.76 17.59
C ASP A 111 -33.40 18.80 17.08
N PRO A 112 -34.67 18.93 17.56
CA PRO A 112 -35.74 17.96 17.20
C PRO A 112 -36.08 17.93 15.73
N ALA A 113 -35.89 19.05 15.04
CA ALA A 113 -36.15 19.11 13.63
C ALA A 113 -35.13 18.34 12.77
N LEU A 114 -33.86 18.36 13.21
CA LEU A 114 -32.80 17.57 12.61
C LEU A 114 -33.13 16.10 12.86
N LEU A 115 -33.46 15.79 14.11
CA LEU A 115 -33.90 14.43 14.48
C LEU A 115 -35.03 13.87 13.61
N ALA A 116 -36.06 14.68 13.37
CA ALA A 116 -37.16 14.31 12.49
C ALA A 116 -36.74 13.99 11.06
N ASP A 117 -35.84 14.83 10.52
CA ASP A 117 -35.37 14.59 9.15
C ASP A 117 -34.48 13.35 9.00
N ILE A 118 -33.69 13.06 10.01
CA ILE A 118 -32.93 11.82 10.02
C ILE A 118 -33.91 10.64 9.95
N LEU A 119 -34.90 10.70 10.83
CA LEU A 119 -35.90 9.61 10.96
C LEU A 119 -36.67 9.48 9.63
N ARG A 120 -36.99 10.62 9.08
CA ARG A 120 -37.62 10.62 7.77
C ARG A 120 -36.75 9.89 6.71
N GLY A 121 -35.45 10.21 6.70
CA GLY A 121 -34.55 9.63 5.68
C GLY A 121 -34.39 8.15 5.89
N LEU A 122 -34.24 7.74 7.15
CA LEU A 122 -34.14 6.32 7.47
C LEU A 122 -35.39 5.58 7.02
N ASP A 123 -36.56 6.14 7.39
CA ASP A 123 -37.78 5.47 7.05
C ASP A 123 -37.90 5.43 5.54
N HIS A 124 -37.51 6.51 4.85
CA HIS A 124 -37.59 6.48 3.36
C HIS A 124 -36.68 5.41 2.77
N LEU A 125 -35.45 5.29 3.31
CA LEU A 125 -34.53 4.26 2.74
C LEU A 125 -35.08 2.88 3.05
N SER A 126 -35.60 2.73 4.27
CA SER A 126 -36.19 1.42 4.66
C SER A 126 -37.43 1.07 3.76
N ALA A 127 -38.24 2.06 3.43
CA ALA A 127 -39.43 1.84 2.56
C ALA A 127 -39.09 1.52 1.13
N THR A 128 -38.16 2.30 0.57
CA THR A 128 -37.92 2.28 -0.88
C THR A 128 -36.85 1.32 -1.33
N VAL A 129 -35.76 1.20 -0.58
CA VAL A 129 -34.66 0.37 -1.12
C VAL A 129 -34.00 -0.61 -0.18
N TYR A 130 -33.63 -0.18 1.01
CA TYR A 130 -32.84 -1.05 1.84
C TYR A 130 -33.68 -1.96 2.76
N HIS A 131 -34.20 -3.04 2.20
CA HIS A 131 -35.15 -3.86 2.96
C HIS A 131 -35.17 -5.20 2.34
N PRO A 132 -35.86 -6.17 3.03
CA PRO A 132 -35.71 -7.54 2.57
C PRO A 132 -36.48 -7.96 1.34
N ALA A 133 -37.26 -7.08 0.73
CA ALA A 133 -37.89 -7.48 -0.53
C ALA A 133 -36.99 -7.13 -1.73
N THR A 134 -35.91 -6.40 -1.51
CA THR A 134 -35.03 -6.01 -2.60
C THR A 134 -34.11 -7.19 -2.94
N THR A 135 -34.08 -7.54 -4.23
CA THR A 135 -33.08 -8.48 -4.72
C THR A 135 -31.90 -7.57 -5.14
N ARG A 136 -30.76 -7.74 -4.43
CA ARG A 136 -29.50 -6.98 -4.62
C ARG A 136 -29.10 -6.82 -6.12
N TYR A 137 -28.75 -5.59 -6.51
CA TYR A 137 -28.26 -5.36 -7.86
C TYR A 137 -26.99 -4.47 -7.79
N GLY A 138 -26.15 -4.54 -8.83
CA GLY A 138 -24.95 -3.69 -8.84
C GLY A 138 -23.94 -4.15 -7.82
N ASN A 139 -23.04 -3.26 -7.46
CA ASN A 139 -21.89 -3.60 -6.61
C ASN A 139 -22.33 -4.14 -5.23
N TRP A 140 -21.97 -5.39 -4.98
CA TRP A 140 -22.32 -6.09 -3.75
C TRP A 140 -21.80 -5.30 -2.55
N TRP A 141 -20.67 -4.63 -2.75
CA TRP A 141 -19.98 -3.99 -1.62
C TRP A 141 -20.90 -2.91 -1.00
N GLU A 142 -21.66 -2.21 -1.85
CA GLU A 142 -22.55 -1.13 -1.33
C GLU A 142 -23.59 -1.64 -0.35
N TRP A 143 -24.07 -2.86 -0.57
CA TRP A 143 -25.19 -3.47 0.16
C TRP A 143 -24.69 -4.21 1.38
N GLN A 144 -23.53 -4.87 1.23
CA GLN A 144 -23.02 -5.72 2.30
C GLN A 144 -21.98 -5.05 3.20
N ILE A 145 -21.48 -3.87 2.82
CA ILE A 145 -20.42 -3.21 3.59
C ILE A 145 -20.65 -1.73 3.72
N GLY A 146 -20.79 -1.03 2.61
CA GLY A 146 -20.98 0.40 2.69
C GLY A 146 -22.20 0.88 3.49
N SER A 147 -23.37 0.51 3.02
CA SER A 147 -24.68 0.90 3.70
C SER A 147 -24.86 0.32 5.14
N PRO A 148 -24.64 -1.02 5.29
CA PRO A 148 -24.97 -1.58 6.60
C PRO A 148 -24.12 -1.04 7.72
N ARG A 149 -22.85 -0.70 7.47
CA ARG A 149 -22.00 -0.18 8.59
C ARG A 149 -22.54 1.20 8.97
N LEU A 150 -23.04 1.95 7.98
CA LEU A 150 -23.52 3.28 8.31
C LEU A 150 -24.87 3.18 9.05
N LEU A 151 -25.75 2.30 8.54
CA LEU A 151 -27.05 2.08 9.12
C LEU A 151 -26.87 1.65 10.58
N MET A 152 -26.03 0.66 10.86
CA MET A 152 -25.69 0.28 12.26
C MET A 152 -25.14 1.43 13.08
N ASP A 153 -24.27 2.25 12.47
CA ASP A 153 -23.74 3.35 13.25
C ASP A 153 -24.81 4.37 13.62
N ILE A 154 -25.65 4.68 12.65
CA ILE A 154 -26.71 5.61 12.89
C ILE A 154 -27.66 5.01 13.95
N THR A 155 -27.96 3.71 13.80
CA THR A 155 -28.92 3.08 14.68
C THR A 155 -28.34 3.09 16.09
N ALA A 156 -27.03 2.91 16.19
CA ALA A 156 -26.42 2.85 17.49
C ALA A 156 -26.46 4.23 18.13
N ALA A 157 -26.10 5.27 17.36
CA ALA A 157 -26.05 6.65 17.92
C ALA A 157 -27.45 7.16 18.38
N LEU A 158 -28.51 6.76 17.66
CA LEU A 158 -29.88 7.31 17.87
C LEU A 158 -30.82 6.31 18.54
N TYR A 159 -30.24 5.20 19.01
CA TYR A 159 -30.94 4.06 19.60
C TYR A 159 -32.21 4.42 20.39
N ASP A 160 -32.08 5.32 21.34
CA ASP A 160 -33.21 5.62 22.23
C ASP A 160 -34.35 6.35 21.52
N HIS A 161 -34.01 7.18 20.53
CA HIS A 161 -35.01 7.90 19.76
C HIS A 161 -35.62 7.06 18.66
N LEU A 162 -35.11 5.86 18.38
CA LEU A 162 -35.58 5.26 17.15
C LEU A 162 -36.86 4.46 17.35
N GLY A 163 -37.01 3.90 18.55
CA GLY A 163 -38.04 2.89 18.82
C GLY A 163 -37.77 1.51 18.27
N ALA A 164 -38.41 0.51 18.86
CA ALA A 164 -38.22 -0.88 18.52
C ALA A 164 -38.50 -1.30 17.07
N ASP A 165 -39.49 -0.74 16.40
CA ASP A 165 -39.72 -1.13 14.99
C ASP A 165 -38.54 -0.71 14.09
N ARG A 166 -37.96 0.44 14.34
CA ARG A 166 -36.85 0.90 13.47
C ARG A 166 -35.60 0.03 13.73
N VAL A 167 -35.31 -0.24 15.01
CA VAL A 167 -34.18 -1.05 15.40
C VAL A 167 -34.38 -2.46 14.82
N ALA A 168 -35.59 -2.99 14.94
CA ALA A 168 -35.83 -4.29 14.39
C ALA A 168 -35.69 -4.28 12.87
N ALA A 169 -36.17 -3.23 12.22
CA ALA A 169 -36.17 -3.29 10.75
C ALA A 169 -34.71 -3.13 10.23
N ALA A 170 -33.91 -2.34 10.93
CA ALA A 170 -32.48 -2.18 10.59
C ALA A 170 -31.73 -3.53 10.75
N CYS A 171 -32.08 -4.32 11.78
CA CYS A 171 -31.47 -5.62 12.00
C CYS A 171 -31.92 -6.57 10.99
N ALA A 172 -33.20 -6.49 10.61
CA ALA A 172 -33.70 -7.40 9.59
C ALA A 172 -33.02 -7.16 8.21
N ALA A 173 -32.78 -5.89 7.90
CA ALA A 173 -32.11 -5.51 6.60
C ALA A 173 -30.65 -6.07 6.52
N VAL A 174 -29.97 -5.90 7.64
CA VAL A 174 -28.63 -6.45 7.77
C VAL A 174 -28.67 -7.96 7.58
N ASP A 175 -29.62 -8.62 8.30
CA ASP A 175 -29.82 -10.09 8.17
C ASP A 175 -30.08 -10.45 6.74
N HIS A 176 -30.85 -9.65 6.01
CA HIS A 176 -31.15 -9.98 4.61
C HIS A 176 -29.90 -9.86 3.67
N PHE A 177 -29.14 -8.77 3.84
CA PHE A 177 -28.05 -8.48 2.89
C PHE A 177 -26.75 -9.12 3.32
N VAL A 178 -26.63 -9.33 4.64
CA VAL A 178 -25.47 -10.01 5.19
C VAL A 178 -25.93 -11.17 6.09
N PRO A 179 -26.34 -12.26 5.45
CA PRO A 179 -26.77 -13.41 6.23
C PRO A 179 -25.57 -14.19 6.83
N ASP A 180 -25.87 -15.10 7.75
CA ASP A 180 -24.86 -15.88 8.45
C ASP A 180 -23.88 -16.50 7.47
N ALA A 181 -24.39 -17.00 6.33
CA ALA A 181 -23.56 -17.69 5.34
C ALA A 181 -22.44 -16.80 4.73
N MET A 182 -22.61 -15.48 4.79
CA MET A 182 -21.58 -14.55 4.42
C MET A 182 -20.45 -14.59 5.40
N LEU A 183 -20.63 -15.22 6.55
CA LEU A 183 -19.53 -15.33 7.46
C LEU A 183 -19.16 -16.78 7.64
N GLY A 184 -19.51 -17.62 6.66
CA GLY A 184 -19.10 -19.02 6.62
C GLY A 184 -17.77 -19.28 5.90
N ALA A 185 -17.83 -19.83 4.69
CA ALA A 185 -16.64 -20.14 3.95
C ALA A 185 -15.72 -18.88 3.91
N TYR A 186 -14.43 -19.06 4.22
CA TYR A 186 -13.47 -17.95 4.07
C TYR A 186 -13.00 -17.83 2.61
N THR A 187 -13.83 -17.22 1.78
CA THR A 187 -13.58 -17.24 0.35
C THR A 187 -14.34 -16.10 -0.36
N GLY A 188 -14.05 -15.86 -1.64
CA GLY A 188 -14.76 -14.88 -2.46
C GLY A 188 -14.82 -13.50 -1.88
N THR A 189 -16.06 -13.00 -1.63
CA THR A 189 -16.22 -11.66 -1.13
C THR A 189 -16.04 -11.67 0.38
N SER A 190 -15.58 -12.77 0.94
CA SER A 190 -15.51 -12.80 2.41
C SER A 190 -14.11 -13.18 2.93
N THR A 191 -13.08 -12.43 2.52
CA THR A 191 -11.71 -12.63 3.03
C THR A 191 -11.10 -11.31 3.43
N GLY A 192 -10.05 -11.34 4.25
CA GLY A 192 -9.25 -10.18 4.48
C GLY A 192 -10.09 -9.02 4.90
N ALA A 193 -9.80 -7.85 4.34
CA ALA A 193 -10.52 -6.63 4.73
C ALA A 193 -12.03 -6.82 4.59
N ASN A 194 -12.47 -7.60 3.60
CA ASN A 194 -13.92 -7.76 3.36
C ASN A 194 -14.58 -8.56 4.48
N ARG A 195 -13.94 -9.68 4.85
CA ARG A 195 -14.29 -10.43 6.07
C ARG A 195 -14.42 -9.53 7.30
N VAL A 196 -13.44 -8.66 7.51
CA VAL A 196 -13.50 -7.83 8.71
C VAL A 196 -14.70 -6.84 8.63
N ASP A 197 -14.90 -6.27 7.45
CA ASP A 197 -16.00 -5.33 7.25
C ASP A 197 -17.39 -6.00 7.46
N LEU A 198 -17.53 -7.22 6.99
CA LEU A 198 -18.78 -7.99 7.17
C LEU A 198 -19.03 -8.22 8.67
N CYS A 199 -17.97 -8.57 9.42
CA CYS A 199 -18.03 -8.81 10.85
C CYS A 199 -18.41 -7.57 11.56
N ARG A 200 -18.00 -6.42 11.03
N ARG A 200 -18.01 -6.42 11.05
CA ARG A 200 -18.32 -5.14 11.66
CA ARG A 200 -18.37 -5.19 11.76
C ARG A 200 -19.85 -4.96 11.75
C ARG A 200 -19.91 -5.03 11.80
N SER A 201 -20.55 -5.19 10.65
CA SER A 201 -22.02 -5.00 10.61
C SER A 201 -22.76 -6.07 11.41
N VAL A 202 -22.35 -7.36 11.26
CA VAL A 202 -22.94 -8.49 11.98
C VAL A 202 -22.76 -8.32 13.51
N ALA A 203 -21.58 -7.90 13.95
CA ALA A 203 -21.36 -7.63 15.35
C ALA A 203 -22.31 -6.53 15.82
N LEU A 204 -22.36 -5.41 15.10
CA LEU A 204 -23.20 -4.34 15.60
C LEU A 204 -24.67 -4.79 15.56
N ARG A 205 -25.11 -5.52 14.54
CA ARG A 205 -26.48 -5.97 14.50
C ARG A 205 -26.77 -6.88 15.73
N GLY A 206 -25.73 -7.60 16.20
CA GLY A 206 -25.88 -8.49 17.34
C GLY A 206 -26.01 -7.66 18.62
N VAL A 207 -25.20 -6.63 18.75
CA VAL A 207 -25.27 -5.72 19.88
C VAL A 207 -26.67 -5.05 19.89
N LEU A 208 -27.06 -4.49 18.75
CA LEU A 208 -28.18 -3.60 18.74
C LEU A 208 -29.49 -4.36 18.80
N GLY A 209 -29.54 -5.55 18.21
CA GLY A 209 -30.74 -6.38 18.24
C GLY A 209 -30.74 -7.38 19.42
N ARG A 210 -29.79 -7.21 20.33
CA ARG A 210 -29.58 -8.12 21.47
C ARG A 210 -29.65 -9.60 21.06
N ALA A 211 -28.80 -9.97 20.09
CA ALA A 211 -28.75 -11.30 19.54
C ALA A 211 -27.34 -11.85 19.80
N PRO A 212 -27.12 -12.49 20.98
CA PRO A 212 -25.78 -12.91 21.35
C PRO A 212 -25.15 -13.78 20.26
N ALA A 213 -25.95 -14.61 19.55
CA ALA A 213 -25.38 -15.49 18.56
C ALA A 213 -24.73 -14.73 17.37
N LYS A 214 -25.27 -13.55 17.00
CA LYS A 214 -24.72 -12.72 15.94
C LYS A 214 -23.36 -12.15 16.41
N ILE A 215 -23.30 -11.69 17.67
CA ILE A 215 -22.02 -11.25 18.19
C ILE A 215 -20.93 -12.34 18.21
N ALA A 216 -21.28 -13.54 18.71
CA ALA A 216 -20.36 -14.64 18.71
C ALA A 216 -19.98 -14.99 17.27
N LEU A 217 -20.93 -14.91 16.35
CA LEU A 217 -20.60 -15.29 14.98
C LEU A 217 -19.51 -14.30 14.45
N ALA A 218 -19.71 -13.03 14.70
CA ALA A 218 -18.88 -12.01 14.17
C ALA A 218 -17.47 -12.18 14.80
N ARG A 219 -17.41 -12.48 16.11
CA ARG A 219 -16.12 -12.71 16.73
C ARG A 219 -15.49 -13.98 16.09
N ASP A 220 -16.24 -15.06 15.99
CA ASP A 220 -15.58 -16.27 15.49
C ASP A 220 -15.05 -16.08 14.09
N ALA A 221 -15.82 -15.32 13.28
CA ALA A 221 -15.55 -15.23 11.87
C ALA A 221 -14.29 -14.39 11.60
N LEU A 222 -13.79 -13.68 12.62
CA LEU A 222 -12.54 -12.99 12.49
C LEU A 222 -11.28 -13.96 12.43
N SER A 223 -11.40 -15.14 13.05
CA SER A 223 -10.28 -16.03 13.18
C SER A 223 -9.51 -16.34 11.86
N PRO A 224 -10.21 -16.65 10.76
CA PRO A 224 -9.43 -16.98 9.59
C PRO A 224 -8.67 -15.79 8.98
N VAL A 225 -8.88 -14.57 9.47
CA VAL A 225 -8.15 -13.40 9.00
C VAL A 225 -6.72 -13.41 9.59
N PHE A 226 -6.53 -14.07 10.74
CA PHE A 226 -5.24 -13.89 11.43
C PHE A 226 -4.00 -14.64 10.89
N PRO A 227 -4.13 -15.93 10.64
CA PRO A 227 -2.92 -16.66 10.22
C PRO A 227 -2.24 -16.12 8.94
N TYR A 228 -0.93 -16.25 8.89
CA TYR A 228 -0.18 -15.90 7.72
C TYR A 228 -0.56 -16.85 6.63
N VAL A 229 -0.73 -16.32 5.41
CA VAL A 229 -1.01 -17.19 4.25
C VAL A 229 0.19 -17.35 3.37
N THR A 230 0.11 -18.27 2.44
CA THR A 230 1.15 -18.40 1.44
C THR A 230 0.59 -18.17 0.05
N LYS A 231 -0.72 -18.07 -0.09
CA LYS A 231 -1.30 -17.65 -1.34
C LYS A 231 -2.60 -16.95 -1.06
N GLY A 232 -3.07 -16.19 -2.02
CA GLY A 232 -4.34 -15.55 -1.88
C GLY A 232 -4.31 -14.37 -0.94
N ASP A 233 -5.48 -14.09 -0.40
CA ASP A 233 -5.69 -12.90 0.41
C ASP A 233 -5.12 -13.06 1.79
N GLY A 234 -4.59 -11.96 2.34
CA GLY A 234 -4.20 -11.89 3.73
C GLY A 234 -2.77 -11.41 3.94
N LEU A 235 -2.33 -11.46 5.19
CA LEU A 235 -0.99 -11.18 5.63
C LEU A 235 -0.08 -12.41 5.45
N TYR A 236 1.12 -12.16 4.95
CA TYR A 236 2.12 -13.22 4.73
C TYR A 236 3.22 -13.03 5.74
N ALA A 237 3.96 -14.10 5.98
CA ALA A 237 5.06 -14.07 6.94
C ALA A 237 6.16 -13.04 6.62
N ASP A 238 6.43 -12.77 5.34
CA ASP A 238 7.40 -11.69 5.03
C ASP A 238 6.82 -10.27 5.14
N GLY A 239 5.56 -10.15 5.61
CA GLY A 239 4.97 -8.80 5.84
C GLY A 239 4.04 -8.34 4.70
N SER A 240 4.05 -9.11 3.62
CA SER A 240 3.24 -8.71 2.46
C SER A 240 1.74 -8.72 2.78
N PHE A 241 0.99 -7.96 2.03
CA PHE A 241 -0.47 -8.03 2.20
C PHE A 241 -1.15 -8.01 0.83
N VAL A 242 -2.00 -9.02 0.62
CA VAL A 242 -2.67 -9.20 -0.66
C VAL A 242 -4.19 -9.15 -0.49
N GLN A 243 -4.86 -8.45 -1.37
CA GLN A 243 -6.28 -8.55 -1.47
C GLN A 243 -6.66 -8.76 -2.97
N HIS A 244 -7.87 -9.24 -3.25
CA HIS A 244 -8.26 -9.60 -4.60
C HIS A 244 -7.39 -10.64 -5.22
N THR A 245 -6.89 -11.51 -4.37
CA THR A 245 -6.10 -12.65 -4.72
C THR A 245 -4.69 -12.43 -5.35
N TRP A 246 -4.54 -11.37 -6.13
CA TRP A 246 -3.33 -11.09 -6.84
C TRP A 246 -2.78 -9.66 -6.68
N VAL A 247 -3.43 -8.80 -5.92
CA VAL A 247 -3.02 -7.44 -5.86
C VAL A 247 -2.33 -7.05 -4.54
N ALA A 248 -1.18 -6.42 -4.67
CA ALA A 248 -0.40 -5.91 -3.52
C ALA A 248 -1.18 -4.76 -2.93
N TYR A 249 -1.60 -4.86 -1.67
CA TYR A 249 -2.67 -3.98 -1.22
C TYR A 249 -2.63 -3.49 0.20
N SER A 250 -1.45 -3.50 0.81
CA SER A 250 -1.29 -3.06 2.19
C SER A 250 -1.85 -1.70 2.47
N GLY A 251 -1.75 -0.82 1.49
CA GLY A 251 -2.10 0.55 1.73
C GLY A 251 -3.57 0.93 1.85
N THR A 252 -4.48 0.19 1.21
CA THR A 252 -5.90 0.55 1.27
C THR A 252 -6.74 -0.56 1.92
N TYR A 253 -6.93 -1.66 1.24
CA TYR A 253 -7.45 -2.83 1.91
C TYR A 253 -6.76 -3.24 3.18
N GLY A 254 -5.43 -3.09 3.25
CA GLY A 254 -4.71 -3.47 4.45
C GLY A 254 -5.09 -2.56 5.60
N GLN A 255 -5.31 -1.29 5.31
CA GLN A 255 -5.74 -0.29 6.26
C GLN A 255 -7.20 -0.56 6.75
N VAL A 256 -8.10 -0.89 5.84
CA VAL A 256 -9.47 -1.27 6.14
C VAL A 256 -9.47 -2.44 7.09
N MET A 257 -8.65 -3.43 6.81
CA MET A 257 -8.57 -4.60 7.68
C MET A 257 -8.05 -4.23 9.07
N LEU A 258 -7.04 -3.38 9.08
CA LEU A 258 -6.42 -3.04 10.31
C LEU A 258 -7.37 -2.16 11.17
N ASP A 259 -8.02 -1.22 10.50
CA ASP A 259 -9.01 -0.35 11.11
C ASP A 259 -10.19 -1.15 11.75
N GLY A 260 -10.81 -2.06 10.99
CA GLY A 260 -11.92 -2.81 11.52
C GLY A 260 -11.48 -3.75 12.63
N LEU A 261 -10.25 -4.26 12.54
CA LEU A 261 -9.79 -5.16 13.55
C LEU A 261 -9.57 -4.41 14.87
N GLY A 262 -8.87 -3.29 14.81
CA GLY A 262 -8.72 -2.45 15.97
C GLY A 262 -10.07 -2.02 16.55
N ARG A 263 -10.99 -1.53 15.72
CA ARG A 263 -12.36 -1.19 16.23
C ARG A 263 -13.01 -2.39 16.94
N LEU A 264 -12.94 -3.57 16.35
CA LEU A 264 -13.66 -4.67 16.93
C LEU A 264 -12.96 -5.22 18.15
N PHE A 265 -11.63 -5.17 18.19
CA PHE A 265 -10.90 -5.69 19.35
C PHE A 265 -11.27 -4.82 20.58
N THR A 266 -11.25 -3.50 20.36
CA THR A 266 -11.55 -2.57 21.40
C THR A 266 -13.01 -2.74 21.79
N LEU A 267 -13.91 -2.92 20.83
CA LEU A 267 -15.35 -3.04 21.14
C LEU A 267 -15.58 -4.18 22.13
N LEU A 268 -15.14 -5.38 21.77
CA LEU A 268 -15.44 -6.62 22.44
C LEU A 268 -14.58 -6.88 23.67
N ALA A 269 -13.49 -6.12 23.86
CA ALA A 269 -12.59 -6.41 24.96
C ALA A 269 -13.35 -6.35 26.31
N GLY A 270 -13.19 -7.37 27.13
CA GLY A 270 -13.84 -7.32 28.45
C GLY A 270 -15.25 -7.85 28.40
N SER A 271 -15.80 -8.06 27.22
CA SER A 271 -17.14 -8.64 27.17
C SER A 271 -17.12 -10.17 26.99
N GLU A 272 -18.33 -10.73 26.98
CA GLU A 272 -18.53 -12.16 26.70
C GLU A 272 -18.08 -12.55 25.29
N TRP A 273 -17.84 -11.60 24.38
CA TRP A 273 -17.44 -11.99 23.02
C TRP A 273 -16.06 -11.45 22.63
N GLU A 274 -15.27 -11.18 23.67
CA GLU A 274 -13.96 -10.66 23.49
C GLU A 274 -13.23 -11.60 22.52
N VAL A 275 -12.34 -11.05 21.71
CA VAL A 275 -11.53 -11.83 20.77
C VAL A 275 -10.35 -12.39 21.53
N THR A 276 -10.34 -13.70 21.59
CA THR A 276 -9.40 -14.43 22.38
C THR A 276 -8.41 -15.27 21.54
N ASP A 277 -8.78 -15.57 20.29
CA ASP A 277 -7.85 -16.19 19.36
C ASP A 277 -6.42 -15.63 19.51
N PRO A 278 -5.46 -16.47 19.87
CA PRO A 278 -4.09 -15.99 20.05
C PRO A 278 -3.47 -15.56 18.73
N GLY A 279 -4.02 -15.98 17.61
CA GLY A 279 -3.70 -15.40 16.31
C GLY A 279 -3.87 -13.90 16.20
N ARG A 280 -4.69 -13.30 17.05
CA ARG A 280 -4.79 -11.86 17.14
C ARG A 280 -3.39 -11.17 17.26
N GLN A 281 -2.48 -11.79 17.98
CA GLN A 281 -1.09 -11.25 18.09
C GLN A 281 -0.39 -11.02 16.72
N LEU A 282 -0.68 -11.88 15.74
CA LEU A 282 -0.12 -11.68 14.38
C LEU A 282 -0.57 -10.32 13.78
N VAL A 283 -1.79 -9.88 14.08
CA VAL A 283 -2.24 -8.58 13.60
C VAL A 283 -1.42 -7.48 14.28
N LEU A 284 -1.19 -7.61 15.58
CA LEU A 284 -0.38 -6.58 16.28
C LEU A 284 1.03 -6.54 15.70
N ASP A 285 1.61 -7.74 15.48
CA ASP A 285 2.95 -7.90 14.89
C ASP A 285 3.05 -7.23 13.51
N SER A 286 1.97 -7.29 12.75
CA SER A 286 1.96 -6.78 11.40
C SER A 286 2.10 -5.25 11.37
N VAL A 287 1.88 -4.59 12.50
CA VAL A 287 1.95 -3.09 12.50
C VAL A 287 3.33 -2.64 12.05
N GLU A 288 4.32 -3.19 12.68
CA GLU A 288 5.70 -2.81 12.42
C GLU A 288 6.32 -3.60 11.28
N HIS A 289 5.84 -4.80 11.05
CA HIS A 289 6.48 -5.74 10.14
C HIS A 289 5.87 -5.62 8.70
N ALA A 290 4.57 -5.29 8.64
CA ALA A 290 3.83 -5.20 7.39
C ALA A 290 3.57 -3.79 6.98
N TYR A 291 3.06 -2.98 7.91
CA TYR A 291 2.60 -1.65 7.49
C TYR A 291 3.62 -0.53 7.62
N ALA A 292 4.28 -0.42 8.80
CA ALA A 292 5.19 0.69 9.06
C ALA A 292 6.23 0.91 7.94
N PRO A 293 6.84 -0.17 7.42
CA PRO A 293 7.88 0.04 6.38
C PRO A 293 7.33 0.73 5.11
N LEU A 294 6.00 0.69 4.90
CA LEU A 294 5.48 1.31 3.67
C LEU A 294 5.10 2.78 3.92
N ILE A 295 5.25 3.24 5.18
CA ILE A 295 4.91 4.63 5.51
C ILE A 295 6.11 5.56 5.54
N HIS A 296 6.05 6.58 4.71
CA HIS A 296 7.16 7.49 4.64
C HIS A 296 6.68 8.92 4.93
N ASP A 297 7.13 9.48 6.07
CA ASP A 297 6.75 10.86 6.38
C ASP A 297 5.22 11.12 6.21
N GLY A 298 4.42 10.13 6.58
CA GLY A 298 2.97 10.23 6.57
C GLY A 298 2.26 9.59 5.38
N LEU A 299 2.95 9.37 4.26
CA LEU A 299 2.31 8.71 3.11
C LEU A 299 2.43 7.20 3.19
N VAL A 300 1.46 6.50 2.63
CA VAL A 300 1.69 5.09 2.45
C VAL A 300 1.88 4.91 0.95
N MET A 301 2.89 4.14 0.56
CA MET A 301 3.36 4.18 -0.83
C MET A 301 2.32 3.78 -1.84
N ASP A 302 2.22 4.54 -2.93
CA ASP A 302 1.25 4.21 -3.94
C ASP A 302 1.47 2.80 -4.58
N THR A 303 2.65 2.22 -4.43
CA THR A 303 2.87 0.87 -4.95
C THR A 303 2.00 -0.17 -4.25
N VAL A 304 1.48 0.20 -3.08
CA VAL A 304 0.59 -0.79 -2.41
C VAL A 304 -0.85 -0.23 -2.26
N ASN A 305 -1.22 0.75 -3.08
CA ASN A 305 -2.53 1.37 -3.04
C ASN A 305 -3.46 0.97 -4.20
N GLY A 306 -2.97 0.07 -5.08
CA GLY A 306 -3.83 -0.51 -6.17
C GLY A 306 -4.57 0.52 -6.94
N ARG A 307 -5.83 0.27 -7.22
CA ARG A 307 -6.60 1.21 -8.06
C ARG A 307 -6.84 2.56 -7.35
N ALA A 308 -6.66 2.61 -6.03
CA ALA A 308 -7.00 3.85 -5.30
C ALA A 308 -6.08 5.04 -5.67
N ILE A 309 -4.95 4.76 -6.28
CA ILE A 309 -4.05 5.85 -6.68
C ILE A 309 -4.75 6.77 -7.67
N SER A 310 -5.83 6.30 -8.27
CA SER A 310 -6.56 7.13 -9.25
C SER A 310 -7.73 7.96 -8.75
N ARG A 311 -7.98 7.95 -7.46
CA ARG A 311 -9.17 8.63 -6.90
C ARG A 311 -9.11 10.11 -6.81
N GLY A 312 -8.11 10.65 -6.13
CA GLY A 312 -8.03 12.08 -5.91
C GLY A 312 -9.31 12.70 -5.33
N TYR A 313 -9.87 13.68 -6.02
CA TYR A 313 -11.09 14.27 -5.54
C TYR A 313 -12.28 13.43 -6.06
N LEU A 314 -13.04 12.80 -5.17
CA LEU A 314 -14.20 12.00 -5.61
C LEU A 314 -15.46 12.84 -5.77
N LYS A 315 -16.24 12.61 -6.84
CA LYS A 315 -17.55 13.32 -6.95
C LYS A 315 -18.44 13.18 -5.70
N SER A 316 -18.47 12.00 -5.08
CA SER A 316 -19.34 11.78 -3.93
C SER A 316 -18.87 12.17 -2.55
N ASP A 317 -17.80 12.97 -2.50
CA ASP A 317 -17.18 13.22 -1.19
C ASP A 317 -17.55 14.62 -0.76
N ASP A 318 -18.44 14.71 0.24
CA ASP A 318 -18.91 16.03 0.67
C ASP A 318 -17.85 16.78 1.40
N LEU A 319 -16.77 16.10 1.83
CA LEU A 319 -15.66 16.83 2.50
C LEU A 319 -14.70 17.45 1.49
N HIS A 320 -14.72 17.00 0.24
CA HIS A 320 -13.73 17.45 -0.78
C HIS A 320 -12.27 17.27 -0.33
N VAL A 321 -11.90 16.07 0.12
CA VAL A 321 -10.52 15.84 0.53
C VAL A 321 -9.82 15.01 -0.52
N MET A 322 -8.68 15.50 -1.03
CA MET A 322 -7.97 14.74 -2.07
C MET A 322 -7.42 13.41 -1.57
N ARG A 323 -7.80 12.33 -2.21
CA ARG A 323 -7.17 11.07 -1.89
C ARG A 323 -5.77 11.07 -2.51
N SER A 324 -4.86 10.36 -1.89
CA SER A 324 -3.43 10.45 -2.25
C SER A 324 -2.64 9.55 -1.36
N ASP A 325 -1.33 9.37 -1.65
CA ASP A 325 -0.52 8.59 -0.75
C ASP A 325 -0.57 9.10 0.67
N HIS A 326 -0.62 10.42 0.82
CA HIS A 326 -0.67 11.01 2.19
C HIS A 326 -2.02 10.78 2.92
N PHE A 327 -3.14 10.87 2.19
CA PHE A 327 -4.48 10.60 2.71
C PHE A 327 -4.52 9.15 3.15
N HIS A 328 -4.03 8.25 2.31
CA HIS A 328 -4.05 6.86 2.64
C HIS A 328 -3.16 6.55 3.82
N GLY A 329 -1.95 7.11 3.83
CA GLY A 329 -1.10 6.88 5.02
C GLY A 329 -1.72 7.40 6.29
N GLN A 330 -2.35 8.59 6.22
CA GLN A 330 -3.04 9.16 7.42
C GLN A 330 -4.16 8.25 7.97
N GLN A 331 -4.87 7.62 7.05
CA GLN A 331 -5.88 6.63 7.44
C GLN A 331 -5.24 5.44 8.06
N LEU A 332 -4.06 5.04 7.58
CA LEU A 332 -3.45 3.87 8.14
C LEU A 332 -2.84 4.22 9.54
N ILE A 333 -2.30 5.42 9.67
CA ILE A 333 -1.84 5.91 11.00
C ILE A 333 -3.00 5.91 12.02
N ALA A 334 -4.16 6.40 11.56
CA ALA A 334 -5.34 6.40 12.43
C ALA A 334 -5.74 4.96 12.82
N ALA A 335 -5.69 4.02 11.88
CA ALA A 335 -5.96 2.63 12.28
C ALA A 335 -4.91 2.14 13.30
N MET A 336 -3.65 2.55 13.15
CA MET A 336 -2.70 2.11 14.16
C MET A 336 -3.04 2.73 15.54
N ALA A 337 -3.57 3.94 15.56
CA ALA A 337 -3.87 4.57 16.82
C ALA A 337 -4.96 3.81 17.52
N VAL A 338 -6.00 3.36 16.82
CA VAL A 338 -7.01 2.54 17.49
C VAL A 338 -6.45 1.22 17.97
N LEU A 339 -5.76 0.52 17.09
CA LEU A 339 -5.16 -0.75 17.46
C LEU A 339 -4.26 -0.67 18.70
N ALA A 340 -3.59 0.45 18.89
CA ALA A 340 -2.61 0.59 19.98
C ALA A 340 -3.30 0.51 21.34
N GLY A 341 -4.56 0.94 21.40
CA GLY A 341 -5.35 0.85 22.65
C GLY A 341 -5.32 -0.54 23.26
N GLY A 342 -5.31 -1.58 22.45
CA GLY A 342 -5.30 -2.95 22.99
C GLY A 342 -3.94 -3.62 22.91
N ALA A 343 -2.88 -2.89 22.53
CA ALA A 343 -1.54 -3.52 22.43
C ALA A 343 -0.88 -3.59 23.83
N SER A 344 0.24 -4.29 23.96
CA SER A 344 1.02 -4.23 25.17
C SER A 344 1.73 -2.90 25.31
N ASN A 345 2.30 -2.67 26.49
CA ASN A 345 2.97 -1.41 26.79
C ASN A 345 4.12 -1.14 25.87
N ALA A 346 4.93 -2.16 25.68
CA ALA A 346 6.11 -2.08 24.86
C ALA A 346 5.71 -1.85 23.40
N GLU A 347 4.67 -2.54 22.91
CA GLU A 347 4.19 -2.33 21.53
C GLU A 347 3.67 -0.91 21.36
N ARG A 348 2.80 -0.51 22.28
CA ARG A 348 2.20 0.83 22.25
C ARG A 348 3.27 1.89 22.28
N GLU A 349 4.25 1.69 23.14
CA GLU A 349 5.33 2.64 23.20
C GLU A 349 6.08 2.76 21.84
N ARG A 350 6.33 1.65 21.15
CA ARG A 350 7.00 1.73 19.82
C ARG A 350 6.10 2.37 18.80
N TRP A 351 4.83 1.96 18.73
CA TRP A 351 3.89 2.55 17.76
C TRP A 351 3.75 4.05 17.94
N HIS A 352 3.56 4.46 19.19
CA HIS A 352 3.45 5.90 19.47
C HIS A 352 4.64 6.65 19.05
N ALA A 353 5.80 6.06 19.26
CA ALA A 353 7.03 6.75 18.83
C ALA A 353 7.10 6.85 17.30
N ARG A 354 6.67 5.82 16.58
CA ARG A 354 6.69 5.92 15.13
C ARG A 354 5.65 6.90 14.67
N ILE A 355 4.51 6.90 15.32
CA ILE A 355 3.45 7.81 14.90
C ILE A 355 3.85 9.25 15.19
N LYS A 356 4.46 9.53 16.35
CA LYS A 356 4.99 10.89 16.57
C LYS A 356 5.92 11.31 15.47
N GLY A 357 6.75 10.35 15.00
CA GLY A 357 7.67 10.64 13.92
C GLY A 357 6.97 11.03 12.65
N TRP A 358 5.96 10.25 12.26
CA TRP A 358 5.18 10.57 11.05
C TRP A 358 4.45 11.93 11.18
N ILE A 359 3.91 12.19 12.38
CA ILE A 359 3.23 13.47 12.62
C ILE A 359 4.23 14.64 12.48
N GLU A 360 5.43 14.45 12.99
CA GLU A 360 6.40 15.51 12.84
C GLU A 360 6.84 15.80 11.43
N ARG A 361 7.01 14.74 10.63
CA ARG A 361 7.66 14.86 9.35
C ARG A 361 6.60 15.10 8.25
N ASP A 362 5.32 14.80 8.49
CA ASP A 362 4.32 15.04 7.43
C ASP A 362 3.98 16.53 7.29
N THR A 363 4.70 17.22 6.42
CA THR A 363 4.43 18.62 6.13
C THR A 363 3.54 18.76 4.86
N VAL A 364 3.18 17.64 4.26
CA VAL A 364 2.29 17.74 3.10
C VAL A 364 0.84 17.94 3.54
N THR A 365 0.37 17.05 4.42
CA THR A 365 -0.95 17.08 5.03
C THR A 365 -0.78 16.81 6.51
N PRO A 366 -0.70 17.90 7.30
CA PRO A 366 -0.51 17.75 8.75
C PRO A 366 -1.53 16.77 9.35
N VAL A 367 -1.01 15.75 9.99
CA VAL A 367 -1.83 14.70 10.51
C VAL A 367 -2.85 15.23 11.52
N LEU A 368 -2.40 16.16 12.36
CA LEU A 368 -3.14 16.59 13.52
C LEU A 368 -4.36 17.44 13.17
N THR A 369 -4.41 17.95 11.95
CA THR A 369 -5.61 18.67 11.53
C THR A 369 -6.15 18.10 10.20
N ALA A 370 -5.82 16.84 9.94
CA ALA A 370 -6.21 16.28 8.65
C ALA A 370 -7.74 16.40 8.45
N PRO A 371 -8.18 16.97 7.31
CA PRO A 371 -9.60 17.25 7.23
C PRO A 371 -10.50 16.00 7.09
N GLN A 372 -9.98 14.82 6.78
CA GLN A 372 -10.91 13.66 6.74
C GLN A 372 -11.26 13.14 8.12
N PHE A 373 -10.48 13.52 9.13
CA PHE A 373 -10.64 12.96 10.47
C PHE A 373 -11.84 13.54 11.25
N PRO A 374 -12.72 12.67 11.74
CA PRO A 374 -13.69 13.11 12.73
C PRO A 374 -13.05 13.26 14.15
N VAL A 375 -13.76 13.82 15.10
CA VAL A 375 -13.11 14.17 16.35
C VAL A 375 -12.55 12.93 17.05
N ALA A 376 -13.17 11.77 16.81
CA ALA A 376 -12.72 10.59 17.53
C ALA A 376 -11.26 10.23 17.08
N ASP A 377 -10.92 10.36 15.80
CA ASP A 377 -9.53 10.11 15.37
C ASP A 377 -8.65 11.24 15.76
N LEU A 378 -9.17 12.47 15.68
CA LEU A 378 -8.43 13.61 16.12
C LEU A 378 -7.92 13.46 17.57
N THR A 379 -8.83 13.01 18.43
CA THR A 379 -8.54 12.79 19.87
C THR A 379 -7.50 11.72 20.09
N ARG A 380 -7.61 10.63 19.34
CA ARG A 380 -6.65 9.54 19.50
C ARG A 380 -5.24 10.01 19.05
N LEU A 381 -5.14 10.81 18.01
CA LEU A 381 -3.85 11.20 17.48
C LEU A 381 -3.20 12.29 18.32
N HIS A 382 -4.05 13.21 18.82
CA HIS A 382 -3.64 14.22 19.78
C HIS A 382 -3.19 13.56 21.06
N ALA A 383 -3.81 12.47 21.47
CA ALA A 383 -3.34 11.79 22.68
C ALA A 383 -1.93 11.27 22.46
N ILE A 384 -1.68 10.67 21.31
CA ILE A 384 -0.31 10.24 20.96
C ILE A 384 0.69 11.42 20.83
N ALA A 385 0.27 12.48 20.15
CA ALA A 385 1.12 13.66 20.06
C ALA A 385 1.62 14.25 21.41
N ASP A 386 0.73 14.29 22.41
CA ASP A 386 0.96 15.03 23.64
C ASP A 386 1.61 14.11 24.64
N ALA A 387 1.61 12.82 24.32
CA ALA A 387 2.15 11.82 25.23
C ALA A 387 3.65 11.98 25.41
N PRO A 388 4.21 11.33 26.46
CA PRO A 388 5.64 11.61 26.59
C PRO A 388 6.40 10.58 25.74
N GLY A 389 7.57 10.97 25.27
CA GLY A 389 8.38 10.06 24.50
C GLY A 389 8.86 10.87 23.35
N GLU A 390 9.89 10.36 22.71
CA GLU A 390 10.49 11.06 21.56
C GLU A 390 9.89 10.48 20.26
N ALA A 391 9.89 11.28 19.21
CA ALA A 391 9.52 10.87 17.89
C ALA A 391 10.64 9.95 17.31
N ALA A 392 10.23 8.80 16.79
CA ALA A 392 11.16 7.92 16.05
C ALA A 392 11.38 8.31 14.57
N PRO A 393 12.63 8.17 14.12
CA PRO A 393 12.93 8.25 12.68
C PRO A 393 12.53 6.95 12.02
N GLU A 394 12.38 6.92 10.69
CA GLU A 394 12.21 5.64 9.93
C GLU A 394 13.55 4.97 9.95
N PRO A 395 13.62 3.73 10.36
CA PRO A 395 14.93 3.07 10.41
C PRO A 395 15.54 2.92 9.00
N VAL A 396 16.84 3.15 8.89
CA VAL A 396 17.57 2.86 7.71
C VAL A 396 17.50 1.33 7.55
N GLY A 397 17.29 0.84 6.33
CA GLY A 397 17.15 -0.62 6.12
C GLY A 397 16.45 -0.98 4.82
N HIS A 398 16.28 -2.27 4.60
CA HIS A 398 15.63 -2.70 3.39
C HIS A 398 14.58 -3.72 3.76
N HIS A 399 13.44 -3.64 3.09
N HIS A 399 13.39 -3.61 3.16
CA HIS A 399 12.32 -4.52 3.39
CA HIS A 399 12.36 -4.63 3.42
C HIS A 399 11.86 -5.16 2.06
C HIS A 399 11.88 -5.17 2.09
N LEU A 400 12.07 -6.46 1.91
CA LEU A 400 11.72 -7.09 0.63
C LEU A 400 10.39 -7.85 0.83
N PHE A 401 9.31 -7.28 0.32
CA PHE A 401 8.00 -7.92 0.53
C PHE A 401 7.78 -8.85 -0.65
N ALA A 402 8.45 -9.97 -0.57
CA ALA A 402 8.58 -10.82 -1.74
C ALA A 402 7.19 -11.39 -2.13
N ALA A 403 6.39 -11.78 -1.15
CA ALA A 403 5.06 -12.36 -1.49
C ALA A 403 4.19 -11.40 -2.29
N MET A 404 4.36 -10.10 -2.14
CA MET A 404 3.60 -9.21 -3.03
C MET A 404 4.46 -8.45 -4.10
N ASP A 405 5.64 -8.96 -4.38
CA ASP A 405 6.54 -8.33 -5.41
C ASP A 405 6.81 -6.84 -5.21
N ARG A 406 7.12 -6.47 -3.97
CA ARG A 406 7.37 -5.09 -3.55
C ARG A 406 8.71 -5.06 -2.70
N ALA A 407 9.49 -3.99 -2.86
CA ALA A 407 10.69 -3.74 -2.07
C ALA A 407 10.63 -2.31 -1.64
N VAL A 408 11.07 -2.08 -0.44
CA VAL A 408 11.16 -0.73 0.12
C VAL A 408 12.63 -0.55 0.60
N HIS A 409 13.23 0.58 0.34
CA HIS A 409 14.63 0.82 0.72
C HIS A 409 14.74 2.18 1.40
N ARG A 410 15.48 2.28 2.50
CA ARG A 410 15.70 3.59 3.15
C ARG A 410 17.20 3.76 3.45
N ARG A 411 17.72 4.92 3.11
CA ARG A 411 19.09 5.25 3.33
C ARG A 411 19.00 6.66 3.94
N PRO A 412 20.10 7.17 4.54
CA PRO A 412 20.01 8.58 5.05
C PRO A 412 19.55 9.51 3.94
N ALA A 413 19.97 9.31 2.68
CA ALA A 413 19.62 10.30 1.66
C ALA A 413 18.25 10.09 0.98
N PHE A 414 17.64 8.91 1.11
CA PHE A 414 16.36 8.73 0.39
C PHE A 414 15.63 7.48 0.83
N THR A 415 14.38 7.47 0.39
CA THR A 415 13.45 6.37 0.51
C THR A 415 12.97 5.98 -0.88
N ALA A 416 12.82 4.68 -1.15
CA ALA A 416 12.36 4.24 -2.47
C ALA A 416 11.37 3.11 -2.28
N GLY A 417 10.41 2.97 -3.21
CA GLY A 417 9.52 1.78 -3.26
C GLY A 417 9.48 1.28 -4.72
N LEU A 418 9.77 0.00 -4.87
CA LEU A 418 9.77 -0.67 -6.13
C LEU A 418 8.48 -1.52 -6.26
N ALA A 419 7.83 -1.44 -7.44
CA ALA A 419 6.69 -2.33 -7.77
C ALA A 419 7.03 -3.24 -8.96
N MET A 420 6.84 -4.54 -8.77
CA MET A 420 6.98 -5.58 -9.80
C MET A 420 5.67 -6.31 -10.04
N ALA A 421 5.70 -7.39 -10.82
CA ALA A 421 4.51 -8.13 -11.13
C ALA A 421 5.00 -9.53 -11.56
N SER A 422 4.20 -10.57 -11.30
CA SER A 422 4.67 -11.96 -11.52
C SER A 422 3.42 -12.84 -11.80
N ASP A 423 3.56 -14.15 -11.82
CA ASP A 423 2.43 -15.02 -11.99
C ASP A 423 1.64 -15.02 -10.71
N ARG A 424 2.20 -14.50 -9.60
CA ARG A 424 1.41 -14.34 -8.37
C ARG A 424 0.79 -12.99 -8.23
N ILE A 425 1.29 -11.96 -8.90
CA ILE A 425 0.88 -10.59 -8.57
C ILE A 425 0.55 -9.82 -9.82
N ALA A 426 -0.66 -9.26 -9.90
CA ALA A 426 -1.08 -8.56 -11.09
C ALA A 426 -0.20 -7.35 -11.41
N HIS A 427 -0.05 -7.11 -12.74
CA HIS A 427 0.46 -5.89 -13.31
C HIS A 427 -0.17 -4.65 -12.69
N TYR A 428 -1.48 -4.69 -12.46
CA TYR A 428 -2.26 -3.59 -11.90
C TYR A 428 -3.72 -4.03 -11.70
N GLU A 429 -4.48 -3.22 -10.98
CA GLU A 429 -5.90 -3.45 -10.90
C GLU A 429 -6.62 -2.26 -11.42
N CYS A 430 -7.58 -2.50 -12.30
CA CYS A 430 -8.61 -1.53 -12.63
C CYS A 430 -9.96 -2.10 -12.22
N GLY A 431 -10.94 -1.25 -11.94
CA GLY A 431 -12.27 -1.82 -11.61
C GLY A 431 -13.14 -0.70 -11.16
N ASN A 432 -14.46 -0.87 -11.27
CA ASN A 432 -15.40 0.19 -10.90
C ASN A 432 -15.11 1.54 -11.53
N GLY A 433 -14.58 1.53 -12.75
CA GLY A 433 -14.25 2.82 -13.40
C GLY A 433 -12.88 3.40 -12.96
N GLU A 434 -12.06 2.67 -12.21
CA GLU A 434 -10.89 3.31 -11.60
C GLU A 434 -9.60 2.75 -12.18
N ASN A 435 -8.60 3.64 -12.34
CA ASN A 435 -7.27 3.21 -12.75
C ASN A 435 -7.24 2.49 -14.09
N PRO A 436 -7.90 3.02 -15.15
CA PRO A 436 -7.93 2.29 -16.46
C PRO A 436 -6.57 2.25 -17.16
N ARG A 437 -5.61 3.12 -16.77
CA ARG A 437 -4.35 3.23 -17.49
C ARG A 437 -3.14 2.79 -16.64
N GLY A 438 -3.40 2.00 -15.60
CA GLY A 438 -2.35 1.63 -14.67
C GLY A 438 -1.51 0.47 -15.16
N TRP A 439 -1.63 0.11 -16.44
CA TRP A 439 -0.91 -1.09 -17.01
C TRP A 439 0.52 -1.33 -16.54
N HIS A 440 1.30 -0.24 -16.47
CA HIS A 440 2.72 -0.47 -16.27
C HIS A 440 3.19 -0.14 -14.87
N THR A 441 2.25 0.00 -13.97
CA THR A 441 2.65 0.31 -12.60
C THR A 441 3.33 -0.88 -12.03
N GLY A 442 3.31 -2.02 -12.71
CA GLY A 442 4.05 -3.12 -12.17
C GLY A 442 5.22 -3.51 -13.06
N ALA A 443 5.63 -2.64 -13.97
CA ALA A 443 6.65 -3.04 -14.88
C ALA A 443 8.09 -2.63 -14.40
N GLY A 444 8.40 -2.86 -13.11
CA GLY A 444 9.66 -2.40 -12.52
C GLY A 444 9.59 -0.91 -12.22
N MET A 445 8.48 -0.47 -11.63
CA MET A 445 8.28 0.93 -11.31
C MET A 445 9.03 1.25 -10.00
N LEU A 446 9.96 2.19 -10.09
CA LEU A 446 10.80 2.62 -8.97
C LEU A 446 10.36 4.01 -8.52
N THR A 447 9.70 4.13 -7.37
CA THR A 447 9.29 5.46 -6.96
C THR A 447 10.23 5.88 -5.85
N TRP A 448 10.49 7.18 -5.66
CA TRP A 448 11.40 7.56 -4.55
C TRP A 448 11.24 8.98 -4.14
N TRP A 449 11.68 9.26 -2.90
CA TRP A 449 11.64 10.59 -2.27
C TRP A 449 13.07 10.92 -1.76
N ALA A 450 13.52 12.17 -1.95
CA ALA A 450 14.79 12.67 -1.33
C ALA A 450 14.44 12.90 0.15
N ASN A 451 15.17 12.25 1.06
CA ASN A 451 14.84 12.41 2.50
C ASN A 451 15.09 13.89 2.93
N GLY A 452 14.36 14.31 3.98
CA GLY A 452 14.36 15.69 4.46
C GLY A 452 13.88 16.74 3.44
N THR A 453 13.19 16.33 2.38
N THR A 453 13.21 16.34 2.37
CA THR A 453 12.47 17.31 1.59
CA THR A 453 12.50 17.33 1.54
C THR A 453 10.98 16.99 1.64
C THR A 453 11.01 16.96 1.47
N ARG A 454 10.17 17.94 1.19
CA ARG A 454 8.74 17.72 1.21
C ARG A 454 8.31 16.46 0.39
N ALA A 455 7.62 15.53 1.02
CA ALA A 455 7.32 14.26 0.41
C ALA A 455 6.01 14.26 -0.44
N ASP A 456 5.87 15.24 -1.32
CA ASP A 456 4.65 15.37 -2.12
C ASP A 456 4.82 14.98 -3.59
N GLN A 457 5.93 14.34 -3.98
CA GLN A 457 6.19 13.90 -5.38
C GLN A 457 4.98 13.23 -6.10
N TYR A 458 4.43 12.18 -5.48
CA TYR A 458 3.29 11.45 -6.06
C TYR A 458 1.98 11.95 -5.54
N THR A 459 2.00 12.92 -4.66
CA THR A 459 0.77 13.48 -4.06
C THR A 459 0.20 14.63 -4.88
N ASP A 460 1.10 15.42 -5.50
CA ASP A 460 0.69 16.73 -6.05
C ASP A 460 0.22 16.65 -7.48
N TRP A 461 -0.92 16.00 -7.67
CA TRP A 461 -1.49 15.82 -8.99
C TRP A 461 -0.54 15.08 -9.89
N PHE A 462 0.11 14.06 -9.36
CA PHE A 462 1.00 13.24 -10.17
C PHE A 462 0.15 12.36 -11.10
N TRP A 463 -0.72 11.54 -10.51
CA TRP A 463 -1.37 10.51 -11.28
C TRP A 463 -2.32 11.05 -12.34
N PRO A 464 -3.03 12.17 -12.06
CA PRO A 464 -3.88 12.66 -13.15
C PRO A 464 -3.10 13.38 -14.27
N THR A 465 -1.83 13.71 -14.08
CA THR A 465 -1.09 14.33 -15.20
C THR A 465 -0.04 13.49 -15.86
N VAL A 466 0.40 12.42 -15.19
CA VAL A 466 1.50 11.63 -15.72
C VAL A 466 1.18 10.99 -17.05
N ASP A 467 2.18 10.93 -17.91
CA ASP A 467 2.20 9.97 -19.01
C ASP A 467 2.30 8.54 -18.50
N TRP A 468 1.18 7.81 -18.58
CA TRP A 468 1.11 6.42 -18.15
C TRP A 468 1.95 5.48 -18.98
N TYR A 469 2.55 5.98 -20.09
CA TYR A 469 3.49 5.15 -20.88
C TYR A 469 4.93 5.31 -20.44
N ARG A 470 5.17 6.27 -19.53
CA ARG A 470 6.53 6.54 -19.06
C ARG A 470 6.58 6.64 -17.55
N LEU A 471 6.26 5.54 -16.87
CA LEU A 471 6.34 5.47 -15.44
C LEU A 471 7.79 5.16 -15.00
N PRO A 472 8.23 5.80 -13.93
CA PRO A 472 9.65 5.83 -13.55
C PRO A 472 10.21 4.41 -13.33
N GLY A 473 11.37 4.09 -13.94
CA GLY A 473 12.07 2.83 -13.69
C GLY A 473 11.66 1.75 -14.67
N THR A 474 10.56 1.94 -15.40
CA THR A 474 9.93 0.82 -16.12
C THR A 474 10.59 0.60 -17.49
N THR A 475 10.46 -0.60 -18.02
CA THR A 475 10.72 -0.88 -19.42
C THR A 475 9.38 -1.31 -20.05
N VAL A 476 9.03 -0.64 -21.13
CA VAL A 476 7.76 -0.89 -21.81
C VAL A 476 7.85 -0.75 -23.33
N SER A 477 6.99 -1.50 -24.01
CA SER A 477 6.65 -1.16 -25.37
C SER A 477 5.89 0.15 -25.39
N THR A 478 6.15 0.95 -26.40
CA THR A 478 5.40 2.18 -26.59
C THR A 478 4.01 1.91 -27.26
N LYS A 479 3.70 0.64 -27.51
CA LYS A 479 2.44 0.26 -28.13
C LYS A 479 1.28 0.84 -27.33
N ARG A 480 0.38 1.59 -27.98
CA ARG A 480 -0.81 2.20 -27.39
C ARG A 480 -1.74 1.11 -26.85
N LEU A 481 -2.31 1.32 -25.64
CA LEU A 481 -3.16 0.30 -25.04
C LEU A 481 -4.56 0.77 -24.76
N ALA A 482 -5.48 -0.18 -24.74
CA ALA A 482 -6.84 0.15 -24.48
C ALA A 482 -6.98 0.40 -22.96
N ASP A 483 -7.85 1.36 -22.60
CA ASP A 483 -8.24 1.51 -21.22
C ASP A 483 -8.67 0.11 -20.70
N ARG A 484 -8.20 -0.31 -19.52
CA ARG A 484 -8.52 -1.65 -18.89
C ARG A 484 -7.91 -2.90 -19.56
N ALA A 485 -6.95 -2.70 -20.45
CA ALA A 485 -6.33 -3.83 -21.13
C ALA A 485 -5.78 -4.87 -20.15
N GLY A 486 -5.96 -6.15 -20.50
CA GLY A 486 -5.64 -7.27 -19.62
C GLY A 486 -6.77 -7.62 -18.62
N GLY A 487 -7.77 -6.75 -18.44
CA GLY A 487 -8.90 -7.15 -17.55
C GLY A 487 -8.82 -6.54 -16.13
N GLU A 488 -9.92 -6.61 -15.39
CA GLU A 488 -10.08 -5.99 -14.13
C GLU A 488 -9.76 -6.90 -12.96
N TRP A 489 -9.70 -6.26 -11.79
CA TRP A 489 -9.57 -6.94 -10.50
C TRP A 489 -8.31 -7.76 -10.40
N GLY A 490 -7.23 -7.32 -11.08
CA GLY A 490 -5.99 -8.06 -10.98
C GLY A 490 -5.89 -9.24 -11.95
N ALA A 491 -6.71 -9.24 -12.98
CA ALA A 491 -6.70 -10.40 -13.88
C ALA A 491 -5.34 -10.49 -14.59
N PRO A 492 -4.73 -9.34 -15.05
CA PRO A 492 -3.55 -9.61 -15.89
C PRO A 492 -2.31 -9.76 -15.03
N LYS A 493 -1.68 -10.90 -15.18
CA LYS A 493 -0.44 -11.26 -14.56
C LYS A 493 0.53 -11.73 -15.65
N PRO A 494 1.81 -11.34 -15.55
CA PRO A 494 2.75 -11.88 -16.52
C PRO A 494 3.00 -13.36 -16.26
N ASP A 495 3.24 -14.11 -17.31
CA ASP A 495 3.55 -15.52 -17.22
C ASP A 495 5.04 -15.73 -16.94
N VAL A 496 5.48 -15.46 -15.71
CA VAL A 496 6.86 -15.57 -15.28
C VAL A 496 6.90 -16.08 -13.88
N ARG A 497 7.99 -16.70 -13.49
CA ARG A 497 8.24 -17.22 -12.16
C ARG A 497 9.33 -16.37 -11.45
N TRP A 498 10.38 -15.95 -12.16
CA TRP A 498 11.55 -15.37 -11.47
C TRP A 498 11.28 -13.87 -11.18
N VAL A 499 10.71 -13.58 -10.03
CA VAL A 499 10.47 -12.19 -9.57
C VAL A 499 10.71 -12.33 -8.07
N GLY A 500 11.68 -11.58 -7.56
CA GLY A 500 12.03 -11.58 -6.14
C GLY A 500 13.46 -11.07 -5.99
N GLY A 501 14.12 -11.51 -4.94
CA GLY A 501 15.47 -10.99 -4.68
C GLY A 501 15.97 -11.51 -3.40
N ALA A 502 17.07 -10.95 -2.97
CA ALA A 502 17.67 -11.42 -1.72
C ALA A 502 18.16 -10.20 -0.98
N THR A 503 18.06 -10.23 0.36
CA THR A 503 18.43 -9.06 1.14
C THR A 503 19.07 -9.43 2.43
N ASP A 504 19.97 -8.58 2.90
CA ASP A 504 20.40 -8.79 4.29
C ASP A 504 19.65 -7.84 5.24
N GLY A 505 18.70 -7.06 4.77
CA GLY A 505 18.00 -6.20 5.70
C GLY A 505 18.53 -4.80 5.58
N GLU A 506 19.59 -4.64 4.81
CA GLU A 506 20.15 -3.36 4.56
C GLU A 506 20.31 -3.11 3.06
N TYR A 507 21.00 -4.02 2.37
CA TYR A 507 21.12 -3.92 0.92
C TYR A 507 20.35 -5.05 0.25
N ALA A 508 20.17 -4.98 -1.06
CA ALA A 508 19.43 -6.03 -1.70
C ALA A 508 19.75 -6.17 -3.18
N ALA A 509 19.63 -7.40 -3.68
CA ALA A 509 19.54 -7.68 -5.14
C ALA A 509 18.07 -8.05 -5.43
N VAL A 510 17.41 -7.33 -6.31
CA VAL A 510 16.05 -7.62 -6.70
C VAL A 510 16.00 -7.75 -8.23
N GLY A 511 15.22 -8.72 -8.72
CA GLY A 511 15.14 -8.97 -10.16
C GLY A 511 13.70 -9.23 -10.60
N GLN A 512 13.37 -8.76 -11.80
CA GLN A 512 12.05 -9.02 -12.33
C GLN A 512 12.21 -9.55 -13.76
N HIS A 513 11.75 -10.77 -13.98
CA HIS A 513 11.55 -11.28 -15.36
C HIS A 513 10.31 -10.63 -15.83
N LEU A 514 10.45 -9.68 -16.74
CA LEU A 514 9.35 -8.88 -17.17
C LEU A 514 8.69 -9.48 -18.45
N LYS A 515 7.36 -9.56 -18.49
CA LYS A 515 6.61 -9.64 -19.76
C LYS A 515 5.63 -8.52 -19.80
N GLY A 516 5.71 -7.73 -20.85
CA GLY A 516 4.94 -6.53 -20.81
C GLY A 516 3.47 -6.71 -20.99
N LEU A 517 2.69 -5.80 -20.40
CA LEU A 517 1.23 -5.95 -20.52
C LEU A 517 0.76 -5.56 -21.95
N GLY A 518 -0.03 -6.44 -22.55
CA GLY A 518 -0.62 -6.22 -23.85
C GLY A 518 0.43 -6.24 -24.97
N SER A 519 1.58 -6.88 -24.73
CA SER A 519 2.76 -6.64 -25.58
C SER A 519 3.61 -7.90 -25.69
N THR A 520 4.47 -7.99 -26.68
CA THR A 520 5.34 -9.14 -26.77
C THR A 520 6.68 -8.88 -26.09
N LEU A 521 6.84 -7.68 -25.55
CA LEU A 521 8.05 -7.31 -24.78
C LEU A 521 8.40 -8.33 -23.72
N GLU A 522 9.67 -8.69 -23.67
CA GLU A 522 10.20 -9.49 -22.56
C GLU A 522 11.54 -8.83 -22.15
N ALA A 523 11.90 -8.89 -20.87
CA ALA A 523 13.14 -8.25 -20.38
C ALA A 523 13.50 -8.81 -19.05
N ARG A 524 14.79 -8.68 -18.71
CA ARG A 524 15.31 -8.98 -17.39
C ARG A 524 15.74 -7.64 -16.77
N LYS A 525 15.11 -7.30 -15.64
CA LYS A 525 15.41 -6.03 -14.93
C LYS A 525 15.93 -6.34 -13.56
N SER A 526 17.02 -5.69 -13.17
CA SER A 526 17.53 -5.94 -11.83
C SER A 526 17.77 -4.58 -11.14
N TRP A 527 17.81 -4.59 -9.82
CA TRP A 527 18.05 -3.38 -9.02
C TRP A 527 18.91 -3.85 -7.86
N PHE A 528 19.99 -3.12 -7.59
CA PHE A 528 20.90 -3.39 -6.49
C PHE A 528 20.82 -2.13 -5.64
N PHE A 529 20.20 -2.31 -4.50
CA PHE A 529 19.95 -1.23 -3.50
C PHE A 529 21.15 -1.10 -2.54
N LEU A 530 21.87 0.00 -2.70
CA LEU A 530 23.13 0.24 -1.96
C LEU A 530 22.97 1.39 -0.95
N ASP A 531 24.08 1.97 -0.50
CA ASP A 531 24.08 2.91 0.61
C ASP A 531 23.61 4.30 0.21
N ASP A 532 23.83 4.70 -1.03
CA ASP A 532 23.29 5.94 -1.49
C ASP A 532 22.84 5.93 -2.96
N ALA A 533 22.54 4.75 -3.48
CA ALA A 533 22.24 4.69 -4.90
C ALA A 533 21.42 3.39 -5.16
N VAL A 534 20.79 3.32 -6.33
CA VAL A 534 20.18 2.04 -6.74
C VAL A 534 20.78 1.80 -8.11
N VAL A 535 21.52 0.71 -8.27
CA VAL A 535 22.04 0.38 -9.58
C VAL A 535 21.00 -0.44 -10.43
N CYS A 536 20.70 0.03 -11.62
CA CYS A 536 19.65 -0.56 -12.40
C CYS A 536 20.22 -1.20 -13.69
N LEU A 537 20.09 -2.53 -13.79
CA LEU A 537 20.53 -3.31 -14.95
C LEU A 537 19.32 -3.84 -15.76
N GLY A 538 19.41 -3.70 -17.09
CA GLY A 538 18.42 -4.27 -17.98
C GLY A 538 19.08 -5.09 -19.09
N ALA A 539 18.51 -6.24 -19.40
CA ALA A 539 19.12 -7.10 -20.42
C ALA A 539 18.02 -8.02 -21.06
N GLY A 540 18.34 -8.66 -22.21
CA GLY A 540 17.39 -9.53 -22.90
C GLY A 540 16.16 -8.74 -23.29
N ILE A 541 16.33 -7.45 -23.60
CA ILE A 541 15.18 -6.64 -23.95
C ILE A 541 14.80 -6.97 -25.43
N THR A 542 13.69 -7.69 -25.60
N THR A 542 13.71 -7.70 -25.57
CA THR A 542 13.27 -8.23 -26.91
CA THR A 542 13.24 -8.14 -26.88
C THR A 542 11.78 -8.07 -27.09
C THR A 542 11.77 -7.82 -27.01
N CYS A 543 11.38 -7.43 -28.21
CA CYS A 543 10.00 -7.10 -28.49
C CYS A 543 9.74 -7.30 -30.04
N ALA A 544 8.50 -7.63 -30.41
CA ALA A 544 8.15 -7.78 -31.82
C ALA A 544 6.90 -6.99 -32.11
N ASP A 545 6.63 -5.89 -31.39
CA ASP A 545 5.35 -5.16 -31.58
C ASP A 545 5.38 -4.25 -32.82
N GLY A 546 6.55 -4.09 -33.42
CA GLY A 546 6.71 -3.16 -34.57
C GLY A 546 6.74 -1.70 -34.19
N VAL A 547 7.05 -1.42 -32.91
CA VAL A 547 7.15 0.00 -32.42
C VAL A 547 8.32 0.13 -31.41
N PRO A 548 8.68 1.38 -31.04
CA PRO A 548 9.83 1.50 -30.15
C PRO A 548 9.58 0.98 -28.73
N VAL A 549 10.66 0.52 -28.10
CA VAL A 549 10.67 0.11 -26.72
C VAL A 549 11.52 1.08 -25.93
N GLU A 550 11.07 1.43 -24.70
CA GLU A 550 11.76 2.47 -23.88
C GLU A 550 11.98 1.96 -22.48
N THR A 551 13.11 2.38 -21.89
CA THR A 551 13.30 2.26 -20.46
C THR A 551 13.29 3.66 -19.88
N VAL A 552 12.49 3.86 -18.85
CA VAL A 552 12.30 5.17 -18.26
C VAL A 552 13.30 5.37 -17.13
N VAL A 553 14.35 6.15 -17.44
CA VAL A 553 15.38 6.41 -16.46
C VAL A 553 14.73 7.14 -15.30
N ASP A 554 13.92 8.14 -15.58
CA ASP A 554 13.08 8.65 -14.51
C ASP A 554 11.98 9.48 -15.11
N ASN A 555 11.00 9.78 -14.28
CA ASN A 555 9.95 10.73 -14.72
C ASN A 555 9.53 11.43 -13.46
N ARG A 556 9.78 12.71 -13.35
CA ARG A 556 9.60 13.36 -12.07
C ARG A 556 8.66 14.52 -12.27
N ASN A 557 7.72 14.61 -11.35
CA ASN A 557 6.78 15.71 -11.28
C ASN A 557 7.51 16.90 -10.65
N LEU A 558 7.44 18.04 -11.30
CA LEU A 558 8.14 19.22 -10.86
C LEU A 558 7.23 20.15 -10.14
N GLY A 559 5.92 19.83 -10.09
CA GLY A 559 4.94 20.78 -9.51
C GLY A 559 4.49 21.74 -10.64
N GLU A 560 3.52 22.59 -10.32
CA GLU A 560 3.07 23.61 -11.24
C GLU A 560 4.14 24.64 -11.51
N GLY A 561 4.46 24.84 -12.78
CA GLY A 561 5.43 25.89 -13.11
C GLY A 561 6.84 25.67 -12.55
N GLY A 562 7.24 24.41 -12.30
CA GLY A 562 8.56 24.12 -11.69
C GLY A 562 9.73 24.68 -12.49
N THR A 563 10.74 25.20 -11.81
CA THR A 563 11.93 25.74 -12.55
C THR A 563 13.21 25.11 -12.05
N GLN A 564 13.11 23.94 -11.41
CA GLN A 564 14.24 23.14 -10.96
C GLN A 564 15.14 22.89 -12.14
N ALA A 565 16.42 23.17 -11.97
CA ALA A 565 17.35 23.06 -13.09
C ALA A 565 17.68 21.61 -13.35
N LEU A 566 17.70 21.26 -14.63
CA LEU A 566 18.27 20.03 -15.06
C LEU A 566 19.69 20.31 -15.61
N VAL A 567 20.69 19.73 -14.98
CA VAL A 567 22.05 19.91 -15.48
C VAL A 567 22.52 18.59 -16.07
N ARG A 568 23.18 18.66 -17.21
CA ARG A 568 23.70 17.48 -17.87
C ARG A 568 25.21 17.46 -18.06
N GLY A 569 25.79 16.26 -17.94
CA GLY A 569 27.18 16.03 -18.22
C GLY A 569 27.42 14.88 -19.16
N ARG A 570 28.68 14.52 -19.31
CA ARG A 570 29.09 13.47 -20.22
C ARG A 570 28.33 12.16 -19.92
N HIS A 571 28.23 11.83 -18.66
CA HIS A 571 27.64 10.51 -18.29
C HIS A 571 26.72 10.64 -17.06
N TRP A 572 26.03 11.77 -16.92
CA TRP A 572 25.12 11.92 -15.77
C TRP A 572 24.15 13.02 -16.09
N ALA A 573 23.08 13.07 -15.30
CA ALA A 573 22.13 14.20 -15.32
C ALA A 573 21.71 14.43 -13.89
N HIS A 574 21.43 15.67 -13.54
CA HIS A 574 21.04 15.95 -12.17
C HIS A 574 19.84 16.90 -12.21
N LEU A 575 18.86 16.60 -11.36
CA LEU A 575 17.68 17.46 -11.23
C LEU A 575 17.61 18.09 -9.86
N GLU A 576 17.67 19.41 -9.86
CA GLU A 576 17.81 20.19 -8.68
C GLU A 576 16.62 19.94 -7.70
N GLY A 577 16.91 19.66 -6.42
CA GLY A 577 15.85 19.44 -5.45
C GLY A 577 15.50 17.96 -5.36
N HIS A 578 15.96 17.15 -6.35
CA HIS A 578 15.53 15.77 -6.49
C HIS A 578 16.67 14.77 -6.37
N GLY A 579 17.64 14.79 -7.28
CA GLY A 579 18.74 13.87 -7.20
C GLY A 579 19.29 13.74 -8.63
N GLY A 580 20.00 12.67 -8.91
CA GLY A 580 20.43 12.46 -10.29
C GLY A 580 20.66 11.03 -10.67
N TRP A 581 21.18 10.84 -11.88
CA TRP A 581 21.29 9.59 -12.56
C TRP A 581 22.65 9.53 -13.25
N ILE A 582 23.32 8.40 -13.13
CA ILE A 582 24.51 8.15 -13.90
C ILE A 582 24.02 7.29 -15.09
N VAL A 583 24.21 7.79 -16.32
CA VAL A 583 23.65 7.21 -17.53
C VAL A 583 24.39 7.81 -18.76
N PRO A 584 24.69 7.02 -19.80
CA PRO A 584 25.36 7.63 -20.99
C PRO A 584 24.63 8.85 -21.50
N GLY A 585 25.32 9.98 -21.46
CA GLY A 585 24.73 11.28 -21.72
C GLY A 585 24.28 11.41 -23.17
N GLY A 586 24.93 10.67 -24.05
CA GLY A 586 24.54 10.74 -25.46
C GLY A 586 23.35 9.83 -25.79
N ALA A 587 23.14 8.76 -25.01
CA ALA A 587 22.01 7.87 -25.24
C ALA A 587 20.74 8.41 -24.57
N LEU A 588 20.90 9.23 -23.53
CA LEU A 588 19.81 9.67 -22.68
C LEU A 588 18.87 10.59 -23.42
N ARG A 589 17.55 10.33 -23.41
CA ARG A 589 16.64 11.34 -23.96
C ARG A 589 15.93 12.01 -22.83
N THR A 590 15.64 13.30 -22.99
CA THR A 590 14.97 14.07 -22.00
C THR A 590 13.85 14.90 -22.60
N LEU A 591 12.95 15.39 -21.76
CA LEU A 591 11.84 16.19 -22.17
C LEU A 591 11.32 16.87 -20.92
N ARG A 592 11.19 18.19 -20.96
CA ARG A 592 10.51 18.92 -19.93
C ARG A 592 9.25 19.41 -20.58
N GLU A 593 8.10 19.18 -19.95
CA GLU A 593 6.81 19.60 -20.56
C GLU A 593 5.79 19.80 -19.50
N ASP A 594 4.85 20.72 -19.79
CA ASP A 594 3.57 20.85 -19.04
C ASP A 594 2.50 19.86 -19.55
N ARG A 595 1.82 19.24 -18.59
CA ARG A 595 0.81 18.22 -18.85
C ARG A 595 -0.35 18.60 -17.99
N THR A 596 -1.53 18.60 -18.60
CA THR A 596 -2.73 19.06 -17.91
C THR A 596 -3.65 17.86 -17.80
N GLY A 597 -4.27 17.68 -16.65
CA GLY A 597 -5.19 16.51 -16.54
C GLY A 597 -6.11 16.65 -15.35
N ALA A 598 -7.05 15.71 -15.26
CA ALA A 598 -8.07 15.72 -14.27
C ALA A 598 -8.18 14.33 -13.69
N TRP A 599 -8.61 14.25 -12.45
CA TRP A 599 -8.86 12.91 -11.86
C TRP A 599 -9.88 12.08 -12.64
N SER A 600 -10.88 12.76 -13.23
CA SER A 600 -11.90 12.07 -14.06
C SER A 600 -11.28 11.44 -15.26
N ASP A 601 -10.09 11.92 -15.72
CA ASP A 601 -9.43 11.17 -16.77
C ASP A 601 -9.09 9.72 -16.37
N ILE A 602 -8.96 9.41 -15.09
CA ILE A 602 -8.42 8.10 -14.68
C ILE A 602 -9.35 7.45 -13.69
N ASN A 603 -10.53 8.02 -13.52
CA ASN A 603 -11.49 7.47 -12.61
C ASN A 603 -12.88 8.03 -12.95
N THR A 604 -13.85 7.16 -13.23
CA THR A 604 -15.18 7.68 -13.56
C THR A 604 -15.87 8.29 -12.34
N THR A 605 -15.37 8.07 -11.13
CA THR A 605 -16.07 8.61 -9.96
C THR A 605 -15.46 9.89 -9.44
N SER A 606 -14.54 10.49 -10.19
CA SER A 606 -13.79 11.67 -9.63
C SER A 606 -14.16 12.94 -10.34
N THR A 607 -13.86 14.08 -9.71
CA THR A 607 -14.18 15.38 -10.26
C THR A 607 -13.43 15.65 -11.55
N THR A 608 -13.92 16.65 -12.29
CA THR A 608 -13.40 16.84 -13.65
C THR A 608 -12.48 18.08 -13.72
N GLU A 609 -12.22 18.74 -12.61
CA GLU A 609 -11.32 19.88 -12.61
C GLU A 609 -9.93 19.50 -13.15
N ARG A 610 -9.43 20.32 -14.05
CA ARG A 610 -8.14 20.12 -14.70
C ARG A 610 -7.07 21.01 -14.10
N ARG A 611 -5.89 20.43 -13.85
CA ARG A 611 -4.72 21.21 -13.44
C ARG A 611 -3.50 20.86 -14.26
N THR A 612 -2.51 21.73 -14.27
CA THR A 612 -1.26 21.52 -15.02
C THR A 612 -0.10 21.29 -14.07
N ARG A 613 0.72 20.28 -14.41
CA ARG A 613 1.94 20.01 -13.68
C ARG A 613 3.09 19.93 -14.69
N ARG A 614 4.27 20.49 -14.33
CA ARG A 614 5.43 20.33 -15.21
C ARG A 614 6.15 19.03 -14.84
N TRP A 615 6.72 18.39 -15.84
CA TRP A 615 7.36 17.10 -15.76
C TRP A 615 8.74 17.11 -16.36
N GLN A 616 9.67 16.45 -15.69
CA GLN A 616 10.96 16.17 -16.31
C GLN A 616 11.04 14.69 -16.51
N THR A 617 11.11 14.29 -17.74
CA THR A 617 11.17 12.91 -18.02
C THR A 617 12.44 12.51 -18.76
N LEU A 618 12.95 11.32 -18.48
CA LEU A 618 14.27 10.86 -18.93
C LEU A 618 14.16 9.41 -19.37
N TRP A 619 14.69 9.06 -20.53
CA TRP A 619 14.49 7.70 -20.98
C TRP A 619 15.56 7.25 -21.97
N LEU A 620 15.67 5.95 -22.16
CA LEU A 620 16.55 5.39 -23.11
C LEU A 620 15.60 4.74 -24.14
N ASP A 621 15.92 4.95 -25.40
CA ASP A 621 15.19 4.38 -26.53
C ASP A 621 15.91 3.16 -27.03
N HIS A 622 15.30 2.00 -26.93
CA HIS A 622 15.93 0.77 -27.33
C HIS A 622 15.62 0.45 -28.83
N GLY A 623 15.04 1.41 -29.57
CA GLY A 623 14.75 1.15 -31.00
C GLY A 623 13.52 0.27 -31.17
N THR A 624 13.11 0.08 -32.41
CA THR A 624 11.96 -0.75 -32.78
C THR A 624 12.35 -2.21 -32.86
N ASP A 625 11.55 -3.11 -32.28
CA ASP A 625 11.82 -4.56 -32.32
C ASP A 625 13.22 -4.98 -31.80
N PRO A 626 13.61 -4.49 -30.60
CA PRO A 626 14.97 -4.88 -30.14
C PRO A 626 15.06 -6.37 -29.97
N ALA A 627 16.29 -6.86 -30.05
CA ALA A 627 16.55 -8.23 -29.79
C ALA A 627 17.72 -8.25 -28.85
N GLY A 628 17.47 -8.64 -27.60
CA GLY A 628 18.51 -8.62 -26.56
C GLY A 628 19.17 -7.27 -26.26
N ALA A 629 18.49 -6.16 -26.43
CA ALA A 629 18.93 -4.87 -25.93
C ALA A 629 19.14 -4.83 -24.37
N ASP A 630 19.90 -3.84 -23.90
CA ASP A 630 20.27 -3.72 -22.49
C ASP A 630 20.46 -2.27 -22.05
N TYR A 631 20.64 -2.08 -20.75
CA TYR A 631 20.94 -0.74 -20.20
C TYR A 631 21.61 -0.98 -18.89
N VAL A 632 22.33 0.04 -18.44
CA VAL A 632 22.83 0.18 -17.07
C VAL A 632 22.64 1.64 -16.73
N TYR A 633 22.05 1.93 -15.57
CA TYR A 633 22.03 3.31 -15.07
C TYR A 633 21.93 3.23 -13.57
N THR A 634 22.33 4.29 -12.88
CA THR A 634 22.36 4.26 -11.46
C THR A 634 21.55 5.50 -11.09
N VAL A 635 20.59 5.34 -10.18
CA VAL A 635 19.92 6.52 -9.65
C VAL A 635 20.45 6.86 -8.28
N MET A 636 20.68 8.16 -8.06
CA MET A 636 21.09 8.66 -6.74
C MET A 636 20.10 9.70 -6.23
N PRO A 637 18.99 9.22 -5.65
CA PRO A 637 18.01 10.12 -5.10
C PRO A 637 18.64 10.86 -3.92
N GLY A 638 18.33 12.15 -3.84
CA GLY A 638 18.80 12.98 -2.78
C GLY A 638 20.23 13.48 -2.93
N ALA A 639 20.94 13.10 -3.99
CA ALA A 639 22.37 13.49 -4.13
C ALA A 639 22.58 14.86 -4.75
N SER A 640 23.68 15.50 -4.38
CA SER A 640 24.08 16.74 -5.00
C SER A 640 24.63 16.56 -6.41
N ARG A 641 24.60 17.60 -7.22
CA ARG A 641 25.21 17.61 -8.56
C ARG A 641 26.70 17.16 -8.51
N ALA A 642 27.44 17.54 -7.47
CA ALA A 642 28.88 17.27 -7.41
C ALA A 642 29.12 15.83 -7.06
N ALA A 643 28.36 15.29 -6.10
CA ALA A 643 28.43 13.87 -5.75
C ALA A 643 28.13 13.03 -7.00
N LEU A 644 27.19 13.51 -7.79
CA LEU A 644 26.85 12.75 -8.99
C LEU A 644 27.95 12.75 -10.07
N ALA A 645 28.48 13.95 -10.39
CA ALA A 645 29.64 14.07 -11.26
C ALA A 645 30.82 13.22 -10.80
N ARG A 646 31.07 13.13 -9.49
CA ARG A 646 32.18 12.28 -9.01
C ARG A 646 31.94 10.83 -9.23
N ARG A 647 30.74 10.37 -8.88
CA ARG A 647 30.42 8.96 -8.97
C ARG A 647 30.43 8.51 -10.45
N ALA A 648 29.95 9.37 -11.35
CA ALA A 648 29.99 9.06 -12.78
C ALA A 648 31.44 8.98 -13.34
N ALA A 649 32.38 9.76 -12.80
CA ALA A 649 33.72 9.75 -13.39
C ALA A 649 34.61 8.70 -12.74
N ASP A 650 34.11 8.04 -11.68
CA ASP A 650 34.88 7.07 -10.92
C ASP A 650 34.65 5.66 -11.46
N ARG A 651 35.68 5.04 -11.99
CA ARG A 651 35.59 3.74 -12.64
C ARG A 651 35.65 2.63 -11.63
N HIS A 652 36.07 2.96 -10.43
CA HIS A 652 36.35 1.90 -9.51
C HIS A 652 35.14 1.50 -8.64
N TRP A 653 34.24 2.44 -8.30
CA TRP A 653 33.24 2.16 -7.26
C TRP A 653 32.32 0.98 -7.58
N LEU A 654 32.10 0.75 -8.87
CA LEU A 654 31.15 -0.24 -9.30
C LEU A 654 31.71 -1.06 -10.48
N THR A 655 31.67 -2.37 -10.36
CA THR A 655 31.96 -3.20 -11.51
C THR A 655 30.70 -4.00 -11.84
N VAL A 656 30.23 -3.89 -13.07
CA VAL A 656 29.15 -4.71 -13.56
C VAL A 656 29.79 -6.02 -13.92
N LEU A 657 29.61 -7.07 -13.09
CA LEU A 657 30.13 -8.43 -13.41
C LEU A 657 29.54 -9.05 -14.69
N ALA A 658 28.23 -8.81 -14.92
CA ALA A 658 27.49 -9.53 -15.98
C ALA A 658 26.21 -8.77 -16.14
N ASN A 659 25.80 -8.52 -17.36
CA ASN A 659 24.50 -7.97 -17.60
C ASN A 659 23.95 -8.63 -18.84
N ASP A 660 23.41 -9.84 -18.69
CA ASP A 660 22.72 -10.45 -19.83
C ASP A 660 21.57 -11.25 -19.35
N ASP A 661 20.89 -11.91 -20.28
CA ASP A 661 19.64 -12.59 -19.92
C ASP A 661 19.84 -13.89 -19.18
N ARG A 662 21.08 -14.24 -18.87
CA ARG A 662 21.36 -15.38 -17.99
C ARG A 662 21.77 -14.96 -16.60
N ARG A 663 22.40 -13.79 -16.50
CA ARG A 663 22.73 -13.27 -15.16
C ARG A 663 23.07 -11.79 -15.18
N GLN A 664 22.64 -11.11 -14.12
CA GLN A 664 22.93 -9.71 -13.87
C GLN A 664 23.57 -9.61 -12.49
N ALA A 665 24.69 -8.90 -12.42
CA ALA A 665 25.55 -9.01 -11.23
C ALA A 665 26.51 -7.83 -11.08
N VAL A 666 26.73 -7.36 -9.83
CA VAL A 666 27.63 -6.22 -9.59
C VAL A 666 28.56 -6.50 -8.44
N SER A 667 29.65 -5.77 -8.44
CA SER A 667 30.58 -5.78 -7.34
C SER A 667 30.76 -4.33 -6.83
N VAL A 668 30.62 -4.11 -5.51
CA VAL A 668 30.72 -2.74 -5.01
C VAL A 668 31.74 -2.79 -3.89
N PRO A 669 33.01 -2.54 -4.24
CA PRO A 669 34.04 -2.80 -3.22
C PRO A 669 33.93 -1.92 -1.96
N SER A 670 33.41 -0.68 -2.07
CA SER A 670 33.27 0.13 -0.87
C SER A 670 32.30 -0.51 0.14
N LEU A 671 31.47 -1.49 -0.32
CA LEU A 671 30.55 -2.14 0.63
C LEU A 671 30.96 -3.55 0.92
N GLY A 672 32.13 -3.94 0.42
CA GLY A 672 32.56 -5.35 0.43
C GLY A 672 31.52 -6.28 -0.26
N LEU A 673 30.80 -5.77 -1.23
CA LEU A 673 29.55 -6.39 -1.65
C LEU A 673 29.60 -7.01 -3.02
N THR A 674 29.11 -8.24 -3.14
CA THR A 674 28.88 -8.84 -4.44
C THR A 674 27.41 -9.24 -4.52
N ALA A 675 26.74 -8.93 -5.62
CA ALA A 675 25.31 -9.25 -5.72
C ALA A 675 25.00 -9.71 -7.14
N ALA A 676 24.20 -10.78 -7.23
CA ALA A 676 23.91 -11.38 -8.53
C ALA A 676 22.50 -11.98 -8.60
N ASN A 677 21.79 -11.63 -9.65
CA ASN A 677 20.56 -12.31 -10.01
C ASN A 677 20.89 -13.30 -11.14
N PHE A 678 20.79 -14.60 -10.84
CA PHE A 678 21.04 -15.67 -11.82
C PHE A 678 19.72 -16.11 -12.39
N TRP A 679 19.46 -15.71 -13.62
CA TRP A 679 18.24 -16.08 -14.29
C TRP A 679 18.19 -17.59 -14.60
N GLN A 680 19.35 -18.23 -14.59
CA GLN A 680 19.44 -19.71 -14.70
C GLN A 680 20.76 -20.04 -14.07
N ALA A 681 21.08 -21.34 -14.03
CA ALA A 681 22.38 -21.81 -13.56
C ALA A 681 23.47 -21.07 -14.32
N GLY A 682 24.61 -20.86 -13.67
CA GLY A 682 25.62 -19.99 -14.27
C GLY A 682 26.58 -19.45 -13.23
N THR A 683 27.49 -18.60 -13.72
N THR A 683 27.44 -18.54 -13.71
CA THR A 683 28.51 -18.00 -12.91
CA THR A 683 28.46 -17.97 -12.89
C THR A 683 28.61 -16.52 -13.26
C THR A 683 28.61 -16.50 -13.26
N ALA A 684 28.95 -15.71 -12.25
CA ALA A 684 29.15 -14.28 -12.43
C ALA A 684 30.26 -13.85 -11.43
N GLY A 685 31.36 -13.29 -11.91
CA GLY A 685 32.46 -13.00 -10.98
C GLY A 685 32.78 -14.23 -10.11
N PRO A 686 32.79 -14.07 -8.77
CA PRO A 686 33.18 -15.16 -7.90
C PRO A 686 31.98 -16.04 -7.50
N LEU A 687 30.85 -15.90 -8.16
CA LEU A 687 29.68 -16.63 -7.71
C LEU A 687 29.24 -17.60 -8.80
N THR A 688 28.87 -18.80 -8.39
CA THR A 688 28.29 -19.79 -9.27
C THR A 688 27.06 -20.37 -8.59
N THR A 689 26.03 -20.65 -9.37
CA THR A 689 24.87 -21.32 -8.89
C THR A 689 24.47 -22.49 -9.83
N THR A 690 23.86 -23.54 -9.30
CA THR A 690 23.27 -24.61 -10.18
C THR A 690 21.80 -24.35 -10.58
N ALA A 691 21.19 -23.25 -10.13
CA ALA A 691 19.79 -22.94 -10.52
C ALA A 691 19.52 -21.47 -10.32
N GLY A 692 18.46 -20.95 -10.94
CA GLY A 692 18.12 -19.54 -10.78
C GLY A 692 17.99 -19.20 -9.29
N ALA A 693 18.64 -18.10 -8.90
CA ALA A 693 18.77 -17.74 -7.54
C ALA A 693 19.24 -16.29 -7.48
N SER A 694 19.03 -15.67 -6.31
CA SER A 694 19.53 -14.33 -6.02
C SER A 694 20.51 -14.45 -4.84
N VAL A 695 21.69 -13.83 -4.98
CA VAL A 695 22.76 -14.07 -4.04
C VAL A 695 23.40 -12.76 -3.69
N LEU A 696 23.71 -12.61 -2.43
CA LEU A 696 24.25 -11.39 -1.92
C LEU A 696 25.35 -11.85 -0.99
N VAL A 697 26.58 -11.40 -1.31
CA VAL A 697 27.74 -11.63 -0.45
C VAL A 697 28.29 -10.30 0.12
N ARG A 698 28.50 -10.30 1.43
N ARG A 698 28.51 -10.28 1.43
CA ARG A 698 29.02 -9.10 2.07
CA ARG A 698 28.97 -9.05 2.08
C ARG A 698 30.21 -9.45 2.94
C ARG A 698 30.18 -9.39 2.96
N ARG A 699 31.36 -8.91 2.60
CA ARG A 699 32.56 -9.12 3.40
C ARG A 699 32.70 -7.95 4.40
N ARG A 700 33.00 -8.28 5.65
CA ARG A 700 33.22 -7.30 6.72
C ARG A 700 34.46 -7.71 7.51
N GLY A 701 35.60 -7.21 7.05
CA GLY A 701 36.89 -7.55 7.65
C GLY A 701 37.28 -8.99 7.43
N ARG A 702 37.16 -9.78 8.46
CA ARG A 702 37.64 -11.17 8.45
C ARG A 702 36.49 -12.16 8.36
N THR A 703 35.28 -11.64 8.22
CA THR A 703 34.12 -12.50 8.08
C THR A 703 33.33 -12.08 6.86
N ALA A 704 32.44 -12.95 6.43
CA ALA A 704 31.55 -12.60 5.36
C ALA A 704 30.23 -13.36 5.63
N THR A 705 29.14 -12.78 5.16
CA THR A 705 27.89 -13.46 5.23
C THR A 705 27.38 -13.58 3.80
N LEU A 706 26.83 -14.74 3.47
CA LEU A 706 26.39 -15.05 2.14
C LEU A 706 24.90 -15.30 2.29
N ARG A 707 24.11 -14.61 1.49
CA ARG A 707 22.67 -14.74 1.45
C ARG A 707 22.14 -15.14 0.06
N VAL A 708 21.18 -16.07 0.06
CA VAL A 708 20.68 -16.66 -1.17
C VAL A 708 19.18 -16.96 -1.07
N SER A 709 18.46 -16.54 -2.10
CA SER A 709 17.07 -16.89 -2.19
C SER A 709 16.84 -17.56 -3.54
N GLU A 710 15.68 -18.18 -3.70
CA GLU A 710 15.28 -18.82 -4.95
C GLU A 710 13.97 -18.19 -5.46
N PRO A 711 14.05 -17.10 -6.24
CA PRO A 711 12.80 -16.48 -6.67
C PRO A 711 11.90 -17.32 -7.56
N PRO A 712 12.46 -18.30 -8.32
CA PRO A 712 11.52 -19.10 -9.10
C PRO A 712 10.64 -19.97 -8.23
N ARG A 713 11.04 -20.19 -6.99
CA ARG A 713 10.15 -20.80 -6.00
C ARG A 713 9.76 -22.27 -6.37
N THR A 714 10.69 -22.98 -7.02
CA THR A 714 10.48 -24.40 -7.30
C THR A 714 10.64 -25.18 -6.01
N GLY A 715 11.47 -24.69 -5.10
CA GLY A 715 11.71 -25.35 -3.88
C GLY A 715 12.75 -26.43 -4.04
N GLU A 716 13.24 -26.66 -5.24
CA GLU A 716 14.32 -27.62 -5.49
C GLU A 716 15.67 -27.16 -4.94
N ALA A 717 16.38 -28.07 -4.29
CA ALA A 717 17.71 -27.79 -3.79
C ALA A 717 18.67 -27.29 -4.89
N LEU A 718 19.51 -26.30 -4.56
CA LEU A 718 20.52 -25.82 -5.50
C LEU A 718 21.82 -25.61 -4.74
N GLU A 719 22.94 -25.53 -5.48
CA GLU A 719 24.19 -25.25 -4.84
C GLU A 719 24.76 -23.91 -5.28
N ILE A 720 25.51 -23.31 -4.34
CA ILE A 720 26.20 -22.04 -4.53
C ILE A 720 27.70 -22.26 -4.24
N VAL A 721 28.53 -21.72 -5.12
CA VAL A 721 29.98 -21.62 -4.82
C VAL A 721 30.36 -20.18 -4.88
N TRP A 722 31.15 -19.79 -3.90
CA TRP A 722 31.69 -18.44 -3.78
C TRP A 722 33.19 -18.61 -3.73
N ASP A 723 33.82 -18.18 -4.80
CA ASP A 723 35.25 -18.33 -5.02
C ASP A 723 36.13 -17.36 -4.17
N HIS A 724 36.24 -17.67 -2.89
CA HIS A 724 37.00 -16.86 -1.95
C HIS A 724 37.42 -17.83 -0.83
N PRO A 725 38.71 -17.80 -0.48
CA PRO A 725 39.13 -18.74 0.58
C PRO A 725 38.37 -18.48 1.89
N VAL A 726 37.98 -19.57 2.56
N VAL A 726 37.94 -19.55 2.53
CA VAL A 726 37.09 -19.52 3.73
CA VAL A 726 37.19 -19.44 3.76
C VAL A 726 37.51 -20.58 4.74
C VAL A 726 37.74 -20.50 4.70
N GLY A 727 37.80 -20.14 5.98
CA GLY A 727 38.35 -21.00 7.01
C GLY A 727 37.29 -21.87 7.67
N ALA A 728 36.27 -21.25 8.25
CA ALA A 728 35.27 -21.98 9.03
C ALA A 728 33.94 -21.29 8.88
N VAL A 729 32.85 -21.98 9.25
CA VAL A 729 31.54 -21.45 9.17
C VAL A 729 31.16 -21.13 10.58
N LEU A 730 30.77 -19.88 10.82
CA LEU A 730 30.34 -19.40 12.13
C LEU A 730 28.89 -19.76 12.35
N ARG A 731 28.10 -19.66 11.30
CA ARG A 731 26.72 -20.09 11.39
C ARG A 731 26.05 -20.30 10.03
N ALA A 732 25.00 -21.11 10.03
CA ALA A 732 24.21 -21.36 8.80
C ALA A 732 22.78 -21.69 9.18
N ASP A 733 21.84 -21.20 8.39
CA ASP A 733 20.44 -21.57 8.55
C ASP A 733 20.34 -23.07 8.39
N GLU A 734 19.35 -23.67 9.05
CA GLU A 734 19.05 -25.11 8.96
C GLU A 734 18.81 -25.57 7.52
N THR A 735 18.37 -24.67 6.65
CA THR A 735 18.20 -24.93 5.22
C THR A 735 19.48 -24.90 4.40
N VAL A 736 20.62 -24.58 5.02
CA VAL A 736 21.89 -24.40 4.30
C VAL A 736 22.83 -25.52 4.74
N GLU A 737 23.19 -26.40 3.82
CA GLU A 737 24.23 -27.38 4.09
C GLU A 737 25.58 -26.92 3.54
N ILE A 738 26.62 -27.04 4.35
CA ILE A 738 27.98 -26.71 3.95
C ILE A 738 28.62 -27.90 3.27
N LEU A 739 29.07 -27.74 2.02
CA LEU A 739 29.68 -28.87 1.32
C LEU A 739 31.19 -28.82 1.34
N ALA A 740 31.76 -27.62 1.28
CA ALA A 740 33.21 -27.47 1.34
C ALA A 740 33.60 -26.05 1.79
N THR A 741 34.73 -25.99 2.47
CA THR A 741 35.37 -24.73 2.76
C THR A 741 36.79 -24.94 2.27
N GLY A 742 37.68 -23.98 2.50
CA GLY A 742 39.03 -24.13 2.07
C GLY A 742 39.35 -23.09 1.06
N ARG A 743 39.51 -23.52 -0.18
CA ARG A 743 39.87 -22.55 -1.20
C ARG A 743 38.62 -21.76 -1.63
N ARG A 744 37.45 -22.35 -1.42
CA ARG A 744 36.18 -21.67 -1.75
C ARG A 744 35.02 -22.20 -0.89
N LEU A 745 33.94 -21.45 -0.85
CA LEU A 745 32.79 -21.85 -0.11
C LEU A 745 31.81 -22.55 -1.05
N HIS A 746 31.37 -23.74 -0.66
CA HIS A 746 30.43 -24.54 -1.46
C HIS A 746 29.24 -24.92 -0.59
N LEU A 747 28.03 -24.48 -0.96
CA LEU A 747 26.80 -24.69 -0.17
C LEU A 747 25.76 -25.38 -0.97
N ARG A 748 24.87 -26.10 -0.26
CA ARG A 748 23.65 -26.59 -0.83
C ARG A 748 22.50 -26.02 0.01
N VAL A 749 21.48 -25.52 -0.65
CA VAL A 749 20.40 -24.87 0.06
C VAL A 749 19.04 -25.41 -0.33
N THR A 750 18.28 -25.75 0.65
N THR A 750 18.28 -25.90 0.64
CA THR A 750 16.91 -26.16 0.39
CA THR A 750 16.86 -26.21 0.41
C THR A 750 16.00 -24.96 0.56
C THR A 750 16.08 -24.92 0.57
N PRO A 751 15.65 -24.35 -0.55
CA PRO A 751 15.23 -22.93 -0.56
C PRO A 751 13.81 -22.61 -0.15
N GLY A 752 12.88 -23.58 -0.13
CA GLY A 752 11.46 -23.29 0.11
C GLY A 752 10.79 -22.68 -1.10
N VAL A 753 9.54 -22.25 -0.95
CA VAL A 753 8.80 -21.80 -2.09
C VAL A 753 8.21 -20.42 -1.88
N VAL A 754 8.70 -19.70 -0.88
CA VAL A 754 8.31 -18.30 -0.72
C VAL A 754 9.45 -17.25 -0.86
N CYS A 755 10.58 -17.64 -1.44
CA CYS A 755 11.65 -16.71 -1.73
C CYS A 755 12.19 -16.10 -0.45
N THR A 756 12.39 -16.95 0.54
CA THR A 756 13.06 -16.55 1.79
C THR A 756 14.53 -16.46 1.50
N THR A 757 15.22 -15.56 2.20
CA THR A 757 16.63 -15.40 2.08
C THR A 757 17.28 -16.26 3.15
N HIS A 758 18.16 -17.16 2.71
CA HIS A 758 18.85 -18.04 3.60
C HIS A 758 20.27 -17.52 3.77
N GLU A 759 20.80 -17.63 4.98
CA GLU A 759 22.11 -17.05 5.26
C GLU A 759 23.07 -18.02 5.83
N CYS A 760 24.33 -17.64 5.72
CA CYS A 760 25.48 -18.43 6.07
C CYS A 760 26.57 -17.38 6.41
N GLU A 761 27.22 -17.51 7.57
CA GLU A 761 28.27 -16.57 7.95
C GLU A 761 29.56 -17.32 8.09
N VAL A 762 30.65 -16.79 7.54
CA VAL A 762 31.92 -17.56 7.56
C VAL A 762 33.14 -16.73 7.89
N THR A 763 34.19 -17.40 8.33
CA THR A 763 35.51 -16.77 8.59
C THR A 763 36.34 -16.81 7.32
N LEU A 764 36.98 -15.70 6.98
CA LEU A 764 37.75 -15.65 5.73
C LEU A 764 39.19 -16.04 5.92
N SER A 765 39.75 -16.63 4.88
CA SER A 765 41.18 -16.79 4.77
C SER A 765 41.67 -16.00 3.58
#